data_9KLL
#
_entry.id   9KLL
#
_cell.length_a   1.00
_cell.length_b   1.00
_cell.length_c   1.00
_cell.angle_alpha   90.00
_cell.angle_beta   90.00
_cell.angle_gamma   90.00
#
_symmetry.space_group_name_H-M   'P 1'
#
loop_
_entity.id
_entity.type
_entity.pdbx_description
1 polymer 'SKP1-like protein 1A'
2 polymer 'F-box protein'
#
loop_
_entity_poly.entity_id
_entity_poly.type
_entity_poly.pdbx_seq_one_letter_code
_entity_poly.pdbx_strand_id
1 'polypeptide(L)'
;MSAKKIVLKSSDGESFEVEEAVALESQTIAHMVEDDCVDNGVPLPNVTSKILAKVIEYCKRHVEAAASKAEAVEGAATSD
DDLKAWDADFMKIDQATLFELILAANYLNIKNLLDLTCQTVADMIKGKTPEEIRTTFNIKNDFTPEEEEEVRRENQWAFE
;
B
2 'polypeptide(L)'
;MHHHHHHHHHSSGWSHPQFEKGGGSGGGSLEVLFQGPLTPKTNYIPFPSPIHQTPFQTDLAPMAAAAAAATTALNDLPDV
ILSNIMAGVSDVRSRNSASLVCHKWYLLERATRSALTLRGNIRDLFMLPTCFQSTSHLDLSLISPWGHPLTSAADPDSAL
IGHLLRHAFPSVTSLAIYARDPSTIHIVVPQWPDLERLKLVRWHQRPQTDAAGDELKLLISECGTLKSLDLSSFYCWTDD
VPAALGSCPTFAANLKSLNLLNSSFSEGFKSDEIKAITKACPNLREFRASCMFDPRYIGHAGDEALVSISVNCPKLEILH
LADTNALSSARSDFDPDEREGLGQEEAKINAATLIEVFSGLPLLEELALDLCNNVRDSGPALEVLNSKCPKLKSVKLGQF
HGISLPVESKLDGIALCQGLESLSIRNVDDLTDMGLIAIGRGCYRLAKFEVYGCKKITVRGMRTMASLLRKTLVDVKIAA
CKKLGAVQSLKALEPIQDRVERLHIDCDWDCPDEEEPSDYFDSAAEYNECDDEMYSVRKRARYTYDLNSSSSGLDVNVEG
YDEDKTWARLRYVSLWIFVGQLLTPLVAAGLNDCPELEEISIKVEGDCRVLSRPTVREFGLTTLLNYPKLSRMHLDCGDI
NGYAHTAPSGQMDLSLWERFYLIGVGHLGLTELNYWPPQDRDVNQRSLSLPAAGLLQECNRLRKLFIHGTAHEHFMMFFL
RIEGLRDVQLRADYYPAPENDMSTEMRADSCSRFEVALNRRQISDSSGSSG
;
C
#
# COMPACT_ATOMS: atom_id res chain seq x y z
N ALA A 3 15.07 -8.69 44.23
CA ALA A 3 15.55 -8.40 42.88
C ALA A 3 16.75 -7.46 42.92
N LYS A 4 17.58 -7.51 41.89
CA LYS A 4 18.76 -6.66 41.83
C LYS A 4 18.34 -5.22 41.53
N LYS A 5 18.89 -4.29 42.31
CA LYS A 5 18.60 -2.88 42.16
C LYS A 5 19.91 -2.11 42.00
N ILE A 6 19.86 -1.03 41.22
CA ILE A 6 21.03 -0.23 40.92
C ILE A 6 20.68 1.24 41.07
N VAL A 7 21.69 2.05 41.39
CA VAL A 7 21.51 3.48 41.55
C VAL A 7 22.28 4.22 40.46
N LEU A 8 21.67 5.27 39.92
CA LEU A 8 22.27 6.10 38.90
C LEU A 8 22.44 7.51 39.45
N LYS A 9 23.62 8.09 39.26
CA LYS A 9 23.95 9.42 39.76
C LYS A 9 23.87 10.42 38.61
N SER A 10 22.97 11.39 38.73
CA SER A 10 22.87 12.44 37.73
C SER A 10 24.03 13.41 37.87
N SER A 11 24.18 14.29 36.87
CA SER A 11 25.29 15.24 36.88
C SER A 11 25.19 16.22 38.03
N ASP A 12 23.98 16.52 38.49
CA ASP A 12 23.78 17.47 39.57
C ASP A 12 23.79 16.81 40.95
N GLY A 13 24.24 15.56 41.04
CA GLY A 13 24.42 14.90 42.31
C GLY A 13 23.24 14.08 42.78
N GLU A 14 22.09 14.19 42.13
CA GLU A 14 20.92 13.43 42.55
C GLU A 14 21.13 11.94 42.27
N SER A 15 20.46 11.11 43.05
CA SER A 15 20.57 9.67 42.92
C SER A 15 19.20 9.07 42.66
N PHE A 16 19.14 8.14 41.71
CA PHE A 16 17.90 7.45 41.37
C PHE A 16 18.10 5.96 41.57
N GLU A 17 17.29 5.36 42.44
CA GLU A 17 17.32 3.94 42.69
C GLU A 17 16.26 3.28 41.81
N VAL A 18 16.66 2.24 41.07
CA VAL A 18 15.77 1.62 40.09
C VAL A 18 16.15 0.15 39.94
N GLU A 19 15.32 -0.59 39.22
CA GLU A 19 15.55 -2.00 38.99
C GLU A 19 16.72 -2.19 38.03
N GLU A 20 17.45 -3.29 38.20
CA GLU A 20 18.57 -3.58 37.30
C GLU A 20 18.10 -3.84 35.87
N ALA A 21 17.01 -4.57 35.70
CA ALA A 21 16.57 -4.97 34.38
C ALA A 21 16.19 -3.76 33.52
N VAL A 22 15.50 -2.79 34.12
CA VAL A 22 15.12 -1.59 33.37
C VAL A 22 16.36 -0.78 33.01
N ALA A 23 17.34 -0.75 33.91
CA ALA A 23 18.59 -0.07 33.61
C ALA A 23 19.39 -0.80 32.53
N LEU A 24 19.12 -2.09 32.33
CA LEU A 24 19.77 -2.83 31.26
C LEU A 24 19.37 -2.35 29.87
N GLU A 25 18.30 -1.56 29.76
CA GLU A 25 17.90 -1.03 28.47
C GLU A 25 18.98 -0.13 27.89
N SER A 26 19.57 0.71 28.71
CA SER A 26 20.66 1.58 28.26
C SER A 26 21.91 0.74 28.02
N GLN A 27 22.35 0.69 26.76
CA GLN A 27 23.53 -0.11 26.43
C GLN A 27 24.78 0.44 27.12
N THR A 28 24.87 1.76 27.29
CA THR A 28 26.01 2.35 27.98
C THR A 28 26.04 1.93 29.45
N ILE A 29 24.89 1.98 30.12
CA ILE A 29 24.82 1.55 31.52
C ILE A 29 25.16 0.07 31.63
N ALA A 30 24.61 -0.74 30.72
CA ALA A 30 24.96 -2.15 30.69
C ALA A 30 26.45 -2.34 30.49
N HIS A 31 27.10 -1.42 29.77
CA HIS A 31 28.54 -1.52 29.56
C HIS A 31 29.30 -1.18 30.83
N MET A 32 28.94 -0.09 31.52
CA MET A 32 29.66 0.21 32.75
C MET A 32 29.30 -0.75 33.88
N VAL A 33 28.28 -1.58 33.70
CA VAL A 33 28.05 -2.67 34.65
C VAL A 33 29.25 -3.58 34.82
N GLU A 34 30.08 -3.71 33.78
CA GLU A 34 31.17 -4.68 33.81
C GLU A 34 32.17 -4.38 34.92
N ASP A 35 32.31 -3.12 35.32
CA ASP A 35 33.27 -2.72 36.34
C ASP A 35 32.56 -2.55 37.68
N ASP A 36 33.33 -2.13 38.69
CA ASP A 36 32.82 -2.04 40.05
C ASP A 36 31.74 -0.98 40.22
N CYS A 37 31.66 -0.01 39.32
CA CYS A 37 30.72 1.10 39.45
C CYS A 37 29.27 0.62 39.41
N VAL A 38 29.05 -0.67 39.14
CA VAL A 38 27.71 -1.24 39.22
C VAL A 38 27.20 -1.17 40.64
N ASP A 39 28.08 -1.35 41.63
CA ASP A 39 27.69 -1.31 43.02
C ASP A 39 28.06 0.01 43.71
N ASN A 40 29.15 0.65 43.28
CA ASN A 40 29.54 1.94 43.85
C ASN A 40 28.67 3.08 43.33
N GLY A 41 27.85 2.84 42.32
CA GLY A 41 27.01 3.88 41.75
C GLY A 41 27.48 4.35 40.40
N VAL A 42 26.65 4.19 39.38
CA VAL A 42 27.00 4.59 38.02
C VAL A 42 26.84 6.09 37.88
N PRO A 43 27.91 6.83 37.57
CA PRO A 43 27.78 8.27 37.40
C PRO A 43 27.47 8.66 35.97
N LEU A 44 26.57 9.64 35.80
CA LEU A 44 26.20 10.13 34.48
C LEU A 44 26.49 11.62 34.38
N PRO A 45 27.72 12.01 34.02
CA PRO A 45 28.07 13.43 34.03
C PRO A 45 27.34 14.27 32.99
N ASN A 46 26.77 13.65 31.96
CA ASN A 46 26.12 14.38 30.87
C ASN A 46 24.60 14.27 30.90
N VAL A 47 24.02 13.86 32.03
CA VAL A 47 22.57 13.77 32.17
C VAL A 47 22.13 14.52 33.41
N THR A 48 21.09 15.32 33.27
CA THR A 48 20.53 16.10 34.36
C THR A 48 19.42 15.30 35.04
N SER A 49 18.88 15.88 36.13
CA SER A 49 17.92 15.15 36.95
C SER A 49 16.60 14.94 36.21
N LYS A 50 16.05 16.01 35.63
CA LYS A 50 14.77 15.90 34.94
C LYS A 50 14.86 14.98 33.73
N ILE A 51 15.93 15.14 32.95
CA ILE A 51 16.11 14.30 31.77
C ILE A 51 16.27 12.84 32.18
N LEU A 52 17.06 12.58 33.23
CA LEU A 52 17.22 11.21 33.71
C LEU A 52 15.90 10.64 34.18
N ALA A 53 15.09 11.45 34.87
CA ALA A 53 13.79 10.99 35.34
C ALA A 53 12.89 10.61 34.16
N LYS A 54 12.87 11.44 33.13
CA LYS A 54 12.08 11.10 31.94
C LYS A 54 12.61 9.82 31.28
N VAL A 55 13.93 9.68 31.22
CA VAL A 55 14.53 8.50 30.61
C VAL A 55 14.12 7.24 31.35
N ILE A 56 14.22 7.25 32.68
CA ILE A 56 13.94 6.01 33.40
C ILE A 56 12.43 5.78 33.49
N GLU A 57 11.63 6.83 33.39
CA GLU A 57 10.19 6.66 33.27
C GLU A 57 9.84 5.90 31.98
N TYR A 58 10.39 6.37 30.85
CA TYR A 58 10.15 5.70 29.58
C TYR A 58 10.64 4.27 29.61
N CYS A 59 11.86 4.06 30.14
CA CYS A 59 12.42 2.72 30.21
C CYS A 59 11.57 1.81 31.09
N LYS A 60 11.11 2.31 32.23
CA LYS A 60 10.28 1.51 33.12
C LYS A 60 8.97 1.12 32.46
N ARG A 61 8.33 2.07 31.78
CA ARG A 61 7.08 1.74 31.10
C ARG A 61 7.30 0.69 30.02
N HIS A 62 8.37 0.83 29.25
CA HIS A 62 8.61 -0.15 28.19
C HIS A 62 8.94 -1.52 28.75
N VAL A 63 9.76 -1.60 29.80
CA VAL A 63 10.10 -2.92 30.35
C VAL A 63 8.88 -3.54 31.03
N GLU A 64 8.08 -2.67 31.60
CA GLU A 64 6.93 -3.23 32.32
C GLU A 64 6.01 -3.82 31.25
N ALA A 65 5.53 -2.97 30.35
CA ALA A 65 4.57 -3.46 29.34
C ALA A 65 5.21 -4.61 28.58
N ALA A 66 6.52 -4.54 28.41
CA ALA A 66 7.19 -5.67 27.74
C ALA A 66 6.89 -6.93 28.54
N ALA A 67 7.27 -6.88 29.80
CA ALA A 67 7.06 -8.07 30.65
C ALA A 67 5.57 -8.38 30.65
N SER A 68 4.76 -7.34 30.83
CA SER A 68 3.31 -7.55 30.88
C SER A 68 2.90 -8.37 29.66
N LYS A 69 3.45 -8.01 28.50
CA LYS A 69 3.10 -8.74 27.26
C LYS A 69 3.82 -10.08 27.28
N ALA A 70 4.92 -10.17 28.04
CA ALA A 70 5.57 -11.49 28.17
C ALA A 70 4.59 -12.39 28.92
N GLU A 71 3.54 -11.79 29.47
CA GLU A 71 2.52 -12.54 30.25
C GLU A 71 1.16 -12.34 29.57
N ALA A 72 0.03 -12.44 30.31
CA ALA A 72 -1.33 -12.34 29.73
C ALA A 72 -1.66 -13.60 28.92
N VAL A 73 -2.94 -13.82 28.57
CA VAL A 73 -3.32 -15.12 27.91
C VAL A 73 -4.09 -14.90 26.59
N GLU A 74 -5.08 -14.02 26.59
CA GLU A 74 -5.89 -13.79 25.37
C GLU A 74 -6.54 -12.40 25.44
N GLY A 75 -6.57 -11.69 24.32
CA GLY A 75 -7.18 -10.34 24.28
C GLY A 75 -6.67 -9.50 25.42
N ALA A 76 -5.37 -9.18 25.44
CA ALA A 76 -4.79 -8.45 26.60
C ALA A 76 -3.59 -7.61 26.19
N ALA A 77 -3.21 -7.64 24.92
CA ALA A 77 -2.00 -6.91 24.48
C ALA A 77 -2.40 -5.47 24.14
N THR A 78 -3.61 -5.05 24.51
CA THR A 78 -4.10 -3.71 24.13
C THR A 78 -3.11 -2.62 24.53
N SER A 79 -2.19 -2.92 25.45
CA SER A 79 -1.14 -1.91 25.80
C SER A 79 -0.38 -1.52 24.54
N ASP A 80 -0.21 -2.44 23.58
CA ASP A 80 0.61 -2.09 22.40
C ASP A 80 0.18 -0.70 21.96
N ASP A 81 -1.12 -0.50 21.79
CA ASP A 81 -1.63 0.85 21.45
C ASP A 81 -1.33 1.81 22.61
N ASP A 82 -1.50 1.34 23.84
CA ASP A 82 -1.29 2.23 25.01
C ASP A 82 0.14 2.74 24.96
N LEU A 83 1.11 1.83 24.87
CA LEU A 83 2.50 2.27 24.76
C LEU A 83 2.46 3.41 23.76
N LYS A 84 1.97 3.11 22.56
CA LYS A 84 1.85 4.16 21.53
C LYS A 84 1.16 5.36 22.15
N ALA A 85 -0.11 5.23 22.51
CA ALA A 85 -0.77 6.44 22.97
C ALA A 85 0.04 7.13 24.07
N TRP A 86 0.61 6.35 24.99
CA TRP A 86 1.43 6.94 26.03
C TRP A 86 2.71 7.54 25.46
N ASP A 87 3.29 6.92 24.45
CA ASP A 87 4.43 7.54 23.77
C ASP A 87 4.04 8.88 23.18
N ALA A 88 2.87 8.93 22.54
CA ALA A 88 2.42 10.16 21.90
C ALA A 88 2.21 11.27 22.93
N ASP A 89 1.58 10.95 24.06
CA ASP A 89 1.37 12.01 25.05
C ASP A 89 2.66 12.33 25.80
N PHE A 90 3.58 11.36 25.91
CA PHE A 90 4.87 11.62 26.54
C PHE A 90 5.67 12.62 25.73
N MET A 91 5.65 12.49 24.40
CA MET A 91 6.44 13.37 23.54
C MET A 91 5.83 14.75 23.41
N LYS A 92 4.86 15.11 24.24
CA LYS A 92 4.29 16.45 24.25
C LYS A 92 5.07 17.34 25.22
N ILE A 93 6.33 17.58 24.87
CA ILE A 93 7.24 18.35 25.69
C ILE A 93 7.76 19.53 24.87
N ASP A 94 8.40 20.47 25.56
CA ASP A 94 8.95 21.63 24.89
C ASP A 94 10.20 21.25 24.10
N GLN A 95 10.59 22.13 23.19
CA GLN A 95 11.68 21.83 22.25
C GLN A 95 13.00 21.60 22.97
N ALA A 96 13.30 22.42 23.99
CA ALA A 96 14.56 22.27 24.70
C ALA A 96 14.64 20.93 25.42
N THR A 97 13.58 20.56 26.13
CA THR A 97 13.56 19.25 26.79
C THR A 97 13.63 18.13 25.78
N LEU A 98 13.01 18.33 24.60
CA LEU A 98 13.09 17.35 23.53
C LEU A 98 14.54 17.14 23.08
N PHE A 99 15.28 18.24 22.89
CA PHE A 99 16.66 18.11 22.44
C PHE A 99 17.53 17.49 23.52
N GLU A 100 17.31 17.85 24.78
CA GLU A 100 18.05 17.22 25.86
C GLU A 100 17.75 15.72 25.93
N LEU A 101 16.49 15.33 25.72
CA LEU A 101 16.13 13.92 25.70
C LEU A 101 16.81 13.20 24.54
N ILE A 102 16.90 13.85 23.38
CA ILE A 102 17.61 13.26 22.25
C ILE A 102 19.08 13.03 22.61
N LEU A 103 19.70 14.03 23.22
CA LEU A 103 21.11 13.91 23.56
C LEU A 103 21.33 12.82 24.60
N ALA A 104 20.44 12.72 25.59
CA ALA A 104 20.57 11.68 26.60
C ALA A 104 20.35 10.30 26.00
N ALA A 105 19.42 10.17 25.05
CA ALA A 105 19.22 8.89 24.39
C ALA A 105 20.44 8.49 23.59
N ASN A 106 21.07 9.46 22.91
CA ASN A 106 22.30 9.18 22.18
C ASN A 106 23.41 8.76 23.14
N TYR A 107 23.50 9.40 24.29
CA TYR A 107 24.49 9.03 25.30
C TYR A 107 24.26 7.61 25.79
N LEU A 108 23.10 7.37 26.41
CA LEU A 108 22.80 6.09 27.02
C LEU A 108 22.55 4.97 26.01
N ASN A 109 22.46 5.31 24.72
CA ASN A 109 22.31 4.32 23.65
C ASN A 109 21.02 3.52 23.78
N ILE A 110 19.93 4.18 24.19
CA ILE A 110 18.60 3.59 24.19
C ILE A 110 18.05 3.79 22.78
N LYS A 111 18.08 2.71 21.99
CA LYS A 111 17.70 2.83 20.58
C LYS A 111 16.25 3.25 20.41
N ASN A 112 15.35 2.66 21.21
CA ASN A 112 13.93 2.94 21.05
C ASN A 112 13.61 4.40 21.34
N LEU A 113 14.13 4.93 22.44
CA LEU A 113 13.86 6.32 22.81
C LEU A 113 14.47 7.29 21.80
N LEU A 114 15.69 7.01 21.35
CA LEU A 114 16.33 7.86 20.34
C LEU A 114 15.53 7.87 19.05
N ASP A 115 15.08 6.69 18.61
CA ASP A 115 14.29 6.60 17.38
C ASP A 115 12.98 7.37 17.54
N LEU A 116 12.32 7.20 18.69
CA LEU A 116 11.04 7.87 18.90
C LEU A 116 11.20 9.39 18.91
N THR A 117 12.25 9.89 19.55
CA THR A 117 12.46 11.34 19.61
C THR A 117 12.86 11.89 18.24
N CYS A 118 13.72 11.18 17.51
CA CYS A 118 14.09 11.63 16.18
C CYS A 118 12.88 11.63 15.24
N GLN A 119 12.01 10.62 15.36
CA GLN A 119 10.79 10.61 14.57
C GLN A 119 9.86 11.74 14.99
N THR A 120 9.85 12.11 16.27
CA THR A 120 9.07 13.27 16.70
C THR A 120 9.57 14.53 16.01
N VAL A 121 10.88 14.71 15.94
CA VAL A 121 11.43 15.87 15.23
C VAL A 121 11.05 15.83 13.75
N ALA A 122 11.18 14.65 13.13
CA ALA A 122 10.84 14.52 11.72
C ALA A 122 9.37 14.85 11.47
N ASP A 123 8.50 14.41 12.35
CA ASP A 123 7.07 14.75 12.24
C ASP A 123 6.85 16.23 12.39
N MET A 124 7.62 16.87 13.29
CA MET A 124 7.55 18.32 13.42
C MET A 124 7.97 19.01 12.13
N ILE A 125 8.88 18.38 11.37
CA ILE A 125 9.33 18.94 10.11
C ILE A 125 8.25 18.92 9.03
N LYS A 126 7.44 17.87 8.98
CA LYS A 126 6.54 17.64 7.86
C LYS A 126 5.56 18.79 7.66
N GLY A 127 5.32 19.13 6.39
CA GLY A 127 4.30 20.10 6.05
C GLY A 127 4.67 21.55 6.27
N LYS A 128 5.96 21.88 6.26
CA LYS A 128 6.42 23.23 6.51
C LYS A 128 7.31 23.70 5.37
N THR A 129 7.14 24.97 4.98
CA THR A 129 8.00 25.59 3.99
C THR A 129 9.38 25.83 4.59
N PRO A 130 10.40 26.03 3.75
CA PRO A 130 11.75 26.28 4.30
C PRO A 130 11.79 27.45 5.27
N GLU A 131 11.06 28.53 5.00
CA GLU A 131 11.01 29.64 5.94
C GLU A 131 10.38 29.23 7.26
N GLU A 132 9.32 28.42 7.20
CA GLU A 132 8.68 27.94 8.43
C GLU A 132 9.63 27.06 9.24
N ILE A 133 10.37 26.18 8.56
CA ILE A 133 11.34 25.34 9.27
C ILE A 133 12.42 26.21 9.91
N ARG A 134 12.92 27.19 9.16
CA ARG A 134 13.95 28.08 9.71
C ARG A 134 13.43 28.84 10.92
N THR A 135 12.18 29.28 10.87
CA THR A 135 11.60 30.00 12.01
C THR A 135 11.45 29.08 13.22
N THR A 136 10.93 27.87 13.00
CA THR A 136 10.69 26.96 14.12
C THR A 136 11.99 26.53 14.78
N PHE A 137 13.01 26.21 13.99
CA PHE A 137 14.26 25.69 14.54
C PHE A 137 15.33 26.75 14.66
N ASN A 138 15.01 28.02 14.38
CA ASN A 138 15.95 29.13 14.50
C ASN A 138 17.22 28.87 13.70
N ILE A 139 17.05 28.78 12.39
CA ILE A 139 18.15 28.53 11.46
C ILE A 139 18.25 29.69 10.49
N LYS A 140 19.48 30.14 10.25
CA LYS A 140 19.75 31.22 9.32
C LYS A 140 19.93 30.66 7.92
N ASN A 141 19.41 31.39 6.93
CA ASN A 141 19.48 30.98 5.54
C ASN A 141 20.80 31.47 4.93
N ASP A 142 21.63 30.52 4.50
CA ASP A 142 22.89 30.83 3.84
C ASP A 142 22.83 30.57 2.34
N PHE A 143 21.63 30.39 1.78
CA PHE A 143 21.47 30.14 0.35
C PHE A 143 21.33 31.46 -0.40
N THR A 144 22.16 31.64 -1.41
CA THR A 144 21.94 32.72 -2.36
C THR A 144 20.74 32.38 -3.25
N PRO A 145 20.07 33.40 -3.80
CA PRO A 145 18.90 33.11 -4.65
C PRO A 145 19.21 32.22 -5.84
N GLU A 146 20.40 32.37 -6.43
CA GLU A 146 20.79 31.49 -7.52
C GLU A 146 20.94 30.05 -7.04
N GLU A 147 21.52 29.85 -5.86
CA GLU A 147 21.62 28.51 -5.28
C GLU A 147 20.24 27.96 -4.97
N GLU A 148 19.33 28.80 -4.47
CA GLU A 148 17.97 28.36 -4.20
C GLU A 148 17.30 27.88 -5.49
N GLU A 149 17.47 28.64 -6.58
CA GLU A 149 16.85 28.25 -7.84
C GLU A 149 17.48 26.98 -8.40
N GLU A 150 18.79 26.81 -8.22
CA GLU A 150 19.43 25.57 -8.66
C GLU A 150 18.90 24.37 -7.88
N VAL A 151 18.74 24.52 -6.56
CA VAL A 151 18.20 23.44 -5.75
C VAL A 151 16.76 23.14 -6.15
N ARG A 152 15.97 24.17 -6.44
CA ARG A 152 14.60 23.95 -6.89
C ARG A 152 14.58 23.23 -8.23
N ARG A 153 15.48 23.58 -9.14
CA ARG A 153 15.56 22.90 -10.42
C ARG A 153 15.91 21.43 -10.23
N GLU A 154 16.83 21.13 -9.31
CA GLU A 154 17.15 19.75 -9.00
C GLU A 154 15.94 19.02 -8.41
N ASN A 155 15.20 19.70 -7.53
CA ASN A 155 14.04 19.09 -6.89
C ASN A 155 12.87 18.88 -7.86
N GLN A 156 12.84 19.61 -8.97
CA GLN A 156 11.80 19.40 -9.96
C GLN A 156 11.89 18.03 -10.64
N TRP A 157 13.00 17.32 -10.47
CA TRP A 157 13.19 16.01 -11.08
C TRP A 157 12.67 14.87 -10.21
N ALA A 158 11.96 15.18 -9.14
CA ALA A 158 11.43 14.17 -8.23
C ALA A 158 9.92 14.26 -8.20
N PHE A 159 9.25 13.14 -8.43
CA PHE A 159 7.81 13.11 -8.24
C PHE A 159 7.46 13.24 -6.77
N GLU A 160 6.47 14.07 -6.50
CA GLU A 160 6.14 14.45 -5.13
C GLU A 160 4.99 13.59 -4.59
N THR B 71 20.13 27.59 25.60
CA THR B 71 19.39 26.40 25.18
C THR B 71 19.95 25.84 23.88
N THR B 72 20.03 24.52 23.78
CA THR B 72 20.55 23.88 22.59
C THR B 72 19.54 23.97 21.45
N ALA B 73 20.01 24.31 20.26
CA ALA B 73 19.18 24.32 19.07
C ALA B 73 19.36 23.02 18.30
N LEU B 74 18.54 22.84 17.26
CA LEU B 74 18.57 21.61 16.50
C LEU B 74 19.89 21.44 15.76
N ASN B 75 20.42 22.53 15.19
CA ASN B 75 21.61 22.44 14.36
C ASN B 75 22.87 22.12 15.16
N ASP B 76 22.84 22.27 16.48
CA ASP B 76 23.99 21.91 17.30
C ASP B 76 24.05 20.42 17.63
N LEU B 77 23.04 19.66 17.20
CA LEU B 77 23.03 18.23 17.43
C LEU B 77 24.11 17.55 16.58
N PRO B 78 24.59 16.38 17.01
CA PRO B 78 25.61 15.67 16.22
C PRO B 78 25.08 15.27 14.86
N ASP B 79 26.00 15.18 13.89
CA ASP B 79 25.61 14.88 12.52
C ASP B 79 24.92 13.52 12.40
N VAL B 80 25.29 12.55 13.24
CA VAL B 80 24.60 11.27 13.23
C VAL B 80 23.14 11.43 13.61
N ILE B 81 22.87 12.22 14.64
CA ILE B 81 21.49 12.46 15.06
C ILE B 81 20.73 13.22 13.99
N LEU B 82 21.39 14.17 13.32
CA LEU B 82 20.73 14.91 12.26
C LEU B 82 20.40 14.00 11.08
N SER B 83 21.30 13.09 10.73
CA SER B 83 21.00 12.12 9.67
C SER B 83 19.84 11.22 10.08
N ASN B 84 19.81 10.79 11.34
CA ASN B 84 18.70 9.97 11.81
C ASN B 84 17.38 10.73 11.72
N ILE B 85 17.39 12.01 12.07
CA ILE B 85 16.17 12.82 11.99
C ILE B 85 15.74 12.98 10.53
N MET B 86 16.69 13.26 9.64
CA MET B 86 16.35 13.45 8.24
C MET B 86 15.82 12.17 7.61
N ALA B 87 16.32 11.02 8.05
CA ALA B 87 15.83 9.75 7.54
C ALA B 87 14.36 9.51 7.86
N GLY B 88 13.84 10.18 8.88
CA GLY B 88 12.45 10.04 9.24
C GLY B 88 11.48 10.84 8.40
N VAL B 89 11.99 11.71 7.54
CA VAL B 89 11.15 12.50 6.64
C VAL B 89 10.95 11.68 5.36
N SER B 90 9.79 11.07 5.23
CA SER B 90 9.51 10.19 4.10
C SER B 90 8.70 10.88 3.00
N ASP B 91 7.95 11.93 3.32
CA ASP B 91 7.17 12.65 2.33
C ASP B 91 8.12 13.46 1.45
N VAL B 92 7.99 13.30 0.13
CA VAL B 92 8.95 13.90 -0.79
C VAL B 92 8.86 15.42 -0.78
N ARG B 93 7.66 15.97 -0.62
CA ARG B 93 7.51 17.42 -0.59
C ARG B 93 8.26 18.02 0.60
N SER B 94 8.13 17.39 1.77
CA SER B 94 8.84 17.88 2.95
C SER B 94 10.34 17.71 2.80
N ARG B 95 10.77 16.65 2.12
CA ARG B 95 12.20 16.50 1.83
C ARG B 95 12.71 17.62 0.95
N ASN B 96 11.94 17.99 -0.08
CA ASN B 96 12.33 19.09 -0.95
C ASN B 96 12.37 20.40 -0.17
N SER B 97 11.40 20.60 0.72
CA SER B 97 11.41 21.80 1.56
C SER B 97 12.63 21.84 2.47
N ALA B 98 12.96 20.70 3.08
CA ALA B 98 14.08 20.64 4.01
C ALA B 98 15.42 20.80 3.30
N SER B 99 15.50 20.39 2.04
CA SER B 99 16.74 20.57 1.29
C SER B 99 17.06 22.03 1.03
N LEU B 100 16.09 22.93 1.19
CA LEU B 100 16.26 24.36 0.94
C LEU B 100 16.54 25.15 2.21
N VAL B 101 16.59 24.51 3.37
CA VAL B 101 16.73 25.25 4.62
C VAL B 101 18.12 25.88 4.73
N CYS B 102 19.16 25.10 4.46
CA CYS B 102 20.53 25.60 4.50
C CYS B 102 21.43 24.60 3.81
N HIS B 103 22.72 24.95 3.69
CA HIS B 103 23.67 24.08 3.02
C HIS B 103 23.85 22.76 3.77
N LYS B 104 23.97 22.83 5.10
CA LYS B 104 24.11 21.61 5.89
C LYS B 104 22.88 20.72 5.73
N TRP B 105 21.69 21.33 5.78
CA TRP B 105 20.47 20.56 5.59
C TRP B 105 20.35 20.04 4.17
N TYR B 106 20.82 20.81 3.19
CA TYR B 106 20.85 20.31 1.81
C TYR B 106 21.69 19.05 1.70
N LEU B 107 22.89 19.08 2.28
CA LEU B 107 23.76 17.90 2.23
C LEU B 107 23.15 16.73 2.97
N LEU B 108 22.54 16.98 4.13
CA LEU B 108 21.90 15.89 4.88
C LEU B 108 20.76 15.27 4.08
N GLU B 109 19.91 16.11 3.49
CA GLU B 109 18.78 15.59 2.71
C GLU B 109 19.26 14.80 1.51
N ARG B 110 20.27 15.31 0.80
CA ARG B 110 20.75 14.59 -0.38
C ARG B 110 21.43 13.28 -0.02
N ALA B 111 22.18 13.25 1.09
CA ALA B 111 22.84 12.02 1.49
C ALA B 111 21.89 11.05 2.16
N THR B 112 20.69 11.52 2.53
CA THR B 112 19.74 10.70 3.24
C THR B 112 18.62 10.15 2.35
N ARG B 113 18.28 10.86 1.27
CA ARG B 113 17.21 10.43 0.37
C ARG B 113 17.53 9.07 -0.21
N SER B 114 16.56 8.16 -0.16
CA SER B 114 16.77 6.79 -0.61
C SER B 114 15.89 6.39 -1.78
N ALA B 115 14.70 6.99 -1.90
CA ALA B 115 13.76 6.64 -2.97
C ALA B 115 13.52 7.86 -3.85
N LEU B 116 13.58 7.66 -5.16
CA LEU B 116 13.34 8.72 -6.13
C LEU B 116 12.49 8.19 -7.27
N THR B 117 11.37 8.86 -7.54
CA THR B 117 10.57 8.62 -8.73
C THR B 117 10.85 9.75 -9.71
N LEU B 118 11.53 9.43 -10.80
CA LEU B 118 12.02 10.45 -11.72
C LEU B 118 10.86 11.17 -12.39
N ARG B 119 10.91 12.50 -12.37
CA ARG B 119 9.91 13.35 -12.99
C ARG B 119 10.59 14.24 -14.02
N GLY B 120 10.08 14.25 -15.23
CA GLY B 120 10.67 15.03 -16.29
C GLY B 120 10.45 14.36 -17.63
N ASN B 121 11.06 14.96 -18.65
CA ASN B 121 10.93 14.50 -20.02
C ASN B 121 12.16 13.73 -20.45
N ILE B 122 11.94 12.76 -21.35
CA ILE B 122 13.06 11.95 -21.84
C ILE B 122 14.03 12.80 -22.64
N ARG B 123 13.53 13.79 -23.37
CA ARG B 123 14.40 14.64 -24.18
C ARG B 123 15.32 15.49 -23.30
N ASP B 124 14.97 15.67 -22.03
CA ASP B 124 15.76 16.46 -21.10
C ASP B 124 16.70 15.63 -20.24
N LEU B 125 16.90 14.35 -20.58
CA LEU B 125 17.68 13.47 -19.72
C LEU B 125 19.13 13.90 -19.58
N PHE B 126 19.62 14.76 -20.49
CA PHE B 126 20.99 15.24 -20.37
C PHE B 126 21.14 16.29 -19.28
N MET B 127 20.04 16.92 -18.86
CA MET B 127 20.05 17.85 -17.73
C MET B 127 19.76 17.15 -16.41
N LEU B 128 19.99 15.85 -16.34
CA LEU B 128 19.64 15.08 -15.15
C LEU B 128 20.52 15.49 -13.97
N PRO B 129 19.94 15.68 -12.79
CA PRO B 129 20.74 16.09 -11.64
C PRO B 129 21.64 14.96 -11.14
N THR B 130 22.82 15.32 -10.64
CA THR B 130 23.77 14.36 -10.11
C THR B 130 23.86 14.41 -8.59
N CYS B 131 22.95 15.11 -7.92
CA CYS B 131 23.01 15.28 -6.48
C CYS B 131 22.45 14.10 -5.70
N PHE B 132 21.65 13.24 -6.33
CA PHE B 132 21.00 12.13 -5.64
C PHE B 132 21.89 10.88 -5.69
N GLN B 133 23.07 10.99 -5.08
CA GLN B 133 24.04 9.90 -5.14
C GLN B 133 23.76 8.80 -4.12
N SER B 134 22.85 9.01 -3.18
CA SER B 134 22.59 8.04 -2.13
C SER B 134 21.28 7.29 -2.32
N THR B 135 20.52 7.58 -3.37
CA THR B 135 19.25 6.91 -3.57
C THR B 135 19.46 5.46 -3.97
N SER B 136 18.81 4.55 -3.27
CA SER B 136 18.92 3.12 -3.54
C SER B 136 17.76 2.56 -4.36
N HIS B 137 16.60 3.20 -4.32
CA HIS B 137 15.46 2.82 -5.14
C HIS B 137 15.19 3.91 -6.16
N LEU B 138 15.18 3.54 -7.43
CA LEU B 138 14.94 4.48 -8.53
C LEU B 138 13.75 4.01 -9.34
N ASP B 139 12.83 4.91 -9.61
CA ASP B 139 11.62 4.61 -10.38
C ASP B 139 11.67 5.41 -11.67
N LEU B 140 11.94 4.73 -12.79
CA LEU B 140 12.00 5.36 -14.10
C LEU B 140 10.74 5.12 -14.92
N SER B 141 9.68 4.59 -14.30
CA SER B 141 8.50 4.20 -15.07
C SER B 141 7.56 5.35 -15.34
N LEU B 142 7.67 6.44 -14.58
CA LEU B 142 6.75 7.57 -14.71
C LEU B 142 7.37 8.74 -15.48
N ILE B 143 8.49 8.51 -16.17
CA ILE B 143 9.12 9.57 -16.95
C ILE B 143 8.21 9.93 -18.13
N SER B 144 8.29 11.20 -18.58
CA SER B 144 7.41 11.69 -19.62
C SER B 144 8.09 11.65 -20.99
N PRO B 145 7.34 11.35 -22.07
CA PRO B 145 5.90 11.04 -22.10
C PRO B 145 5.64 9.65 -21.52
N TRP B 146 4.49 9.45 -20.88
CA TRP B 146 4.24 8.21 -20.17
C TRP B 146 4.22 7.03 -21.12
N GLY B 147 4.95 5.97 -20.76
CA GLY B 147 4.98 4.75 -21.54
C GLY B 147 5.89 4.78 -22.75
N HIS B 148 6.53 5.90 -23.02
CA HIS B 148 7.38 5.99 -24.19
C HIS B 148 8.67 5.19 -23.98
N PRO B 149 9.26 4.66 -25.06
CA PRO B 149 10.53 3.95 -24.92
C PRO B 149 11.63 4.86 -24.42
N LEU B 150 12.13 4.56 -23.21
CA LEU B 150 13.16 5.39 -22.61
C LEU B 150 14.43 5.38 -23.44
N THR B 151 14.73 4.25 -24.08
CA THR B 151 15.96 4.12 -24.86
C THR B 151 15.67 3.17 -26.02
N SER B 152 15.88 3.65 -27.24
CA SER B 152 15.61 2.89 -28.45
C SER B 152 16.92 2.60 -29.15
N ALA B 153 17.11 1.34 -29.57
CA ALA B 153 18.35 0.96 -30.24
C ALA B 153 18.52 1.69 -31.57
N ALA B 154 17.42 2.06 -32.23
CA ALA B 154 17.50 2.81 -33.47
C ALA B 154 18.11 4.19 -33.26
N ASP B 155 17.93 4.78 -32.09
CA ASP B 155 18.52 6.08 -31.76
C ASP B 155 20.01 5.92 -31.53
N PRO B 156 20.84 6.76 -32.17
CA PRO B 156 22.29 6.53 -32.09
C PRO B 156 22.90 6.81 -30.72
N ASP B 157 22.45 7.85 -30.03
CA ASP B 157 22.99 8.21 -28.72
C ASP B 157 22.17 7.60 -27.58
N SER B 158 21.58 6.43 -27.81
CA SER B 158 20.81 5.76 -26.77
C SER B 158 21.70 5.22 -25.66
N ALA B 159 22.83 4.59 -26.00
CA ALA B 159 23.69 4.01 -24.99
C ALA B 159 24.19 5.05 -24.00
N LEU B 160 24.53 6.25 -24.49
CA LEU B 160 24.94 7.34 -23.60
C LEU B 160 23.92 7.55 -22.49
N ILE B 161 22.63 7.45 -22.82
CA ILE B 161 21.59 7.65 -21.81
C ILE B 161 21.82 6.73 -20.63
N GLY B 162 22.06 5.45 -20.90
CA GLY B 162 22.33 4.53 -19.81
C GLY B 162 23.50 4.97 -18.96
N HIS B 163 24.59 5.38 -19.62
CA HIS B 163 25.74 5.89 -18.88
C HIS B 163 25.32 7.04 -17.99
N LEU B 164 24.54 7.99 -18.53
CA LEU B 164 24.08 9.10 -17.73
C LEU B 164 23.41 8.62 -16.45
N LEU B 165 22.52 7.62 -16.58
CA LEU B 165 21.83 7.13 -15.40
C LEU B 165 22.82 6.60 -14.37
N ARG B 166 23.79 5.81 -14.81
CA ARG B 166 24.75 5.25 -13.88
C ARG B 166 25.56 6.35 -13.19
N HIS B 167 25.71 7.49 -13.86
CA HIS B 167 26.41 8.60 -13.22
C HIS B 167 25.53 9.29 -12.19
N ALA B 168 24.24 9.41 -12.47
CA ALA B 168 23.37 10.17 -11.58
C ALA B 168 23.01 9.37 -10.33
N PHE B 169 22.81 8.07 -10.48
CA PHE B 169 22.33 7.21 -9.39
C PHE B 169 23.22 5.98 -9.29
N PRO B 170 24.42 6.12 -8.75
CA PRO B 170 25.34 4.97 -8.70
C PRO B 170 24.99 3.94 -7.64
N SER B 171 24.18 4.29 -6.64
CA SER B 171 23.90 3.41 -5.51
C SER B 171 22.54 2.73 -5.63
N VAL B 172 22.04 2.55 -6.84
CA VAL B 172 20.71 1.96 -7.03
C VAL B 172 20.79 0.45 -6.84
N THR B 173 19.97 -0.08 -5.94
CA THR B 173 19.79 -1.51 -5.79
C THR B 173 18.39 -1.98 -6.15
N SER B 174 17.40 -1.09 -6.14
CA SER B 174 16.04 -1.39 -6.58
C SER B 174 15.70 -0.47 -7.74
N LEU B 175 15.20 -1.05 -8.83
CA LEU B 175 14.88 -0.29 -10.03
C LEU B 175 13.49 -0.65 -10.51
N ALA B 176 12.73 0.37 -10.90
CA ALA B 176 11.44 0.21 -11.57
C ALA B 176 11.50 0.98 -12.88
N ILE B 177 11.22 0.29 -13.99
CA ILE B 177 11.36 0.87 -15.32
C ILE B 177 10.17 0.45 -16.17
N TYR B 178 9.89 1.25 -17.19
CA TYR B 178 8.91 0.91 -18.22
C TYR B 178 9.64 0.19 -19.34
N ALA B 179 9.11 -0.97 -19.73
CA ALA B 179 9.84 -1.88 -20.60
C ALA B 179 9.14 -2.06 -21.95
N ARG B 180 8.74 -0.96 -22.58
CA ARG B 180 8.10 -1.04 -23.88
C ARG B 180 9.02 -1.68 -24.91
N ASP B 181 10.30 -1.31 -24.89
CA ASP B 181 11.23 -1.87 -25.85
C ASP B 181 12.25 -2.76 -25.15
N PRO B 182 12.57 -3.93 -25.72
CA PRO B 182 13.62 -4.77 -25.14
C PRO B 182 14.98 -4.09 -25.09
N SER B 183 15.26 -3.20 -26.05
CA SER B 183 16.53 -2.48 -26.03
C SER B 183 16.67 -1.61 -24.79
N THR B 184 15.56 -1.04 -24.32
CA THR B 184 15.61 -0.25 -23.09
C THR B 184 16.11 -1.10 -21.93
N ILE B 185 15.56 -2.30 -21.78
CA ILE B 185 16.04 -3.21 -20.73
C ILE B 185 17.51 -3.52 -20.92
N HIS B 186 17.86 -3.94 -22.15
CA HIS B 186 19.22 -4.42 -22.40
C HIS B 186 20.26 -3.32 -22.20
N ILE B 187 19.83 -2.05 -22.31
CA ILE B 187 20.78 -0.97 -22.18
C ILE B 187 20.79 -0.37 -20.76
N VAL B 188 19.66 -0.39 -20.06
CA VAL B 188 19.58 0.26 -18.77
C VAL B 188 19.88 -0.71 -17.63
N VAL B 189 19.30 -1.91 -17.64
CA VAL B 189 19.40 -2.80 -16.48
C VAL B 189 20.84 -3.18 -16.16
N PRO B 190 21.69 -3.58 -17.11
CA PRO B 190 23.06 -3.97 -16.74
C PRO B 190 23.94 -2.82 -16.27
N GLN B 191 23.42 -1.59 -16.18
CA GLN B 191 24.23 -0.48 -15.69
C GLN B 191 24.52 -0.58 -14.20
N TRP B 192 23.72 -1.36 -13.46
CA TRP B 192 23.89 -1.54 -12.02
C TRP B 192 24.13 -3.02 -11.75
N PRO B 193 25.38 -3.47 -11.72
CA PRO B 193 25.64 -4.89 -11.45
C PRO B 193 25.20 -5.34 -10.07
N ASP B 194 25.06 -4.42 -9.11
CA ASP B 194 24.64 -4.74 -7.76
C ASP B 194 23.14 -4.67 -7.57
N LEU B 195 22.38 -4.54 -8.65
CA LEU B 195 20.93 -4.48 -8.57
C LEU B 195 20.38 -5.78 -7.99
N GLU B 196 19.46 -5.66 -7.04
CA GLU B 196 18.87 -6.82 -6.39
C GLU B 196 17.36 -6.91 -6.51
N ARG B 197 16.67 -5.80 -6.73
CA ARG B 197 15.24 -5.81 -7.00
C ARG B 197 14.95 -5.10 -8.30
N LEU B 198 14.03 -5.66 -9.09
CA LEU B 198 13.67 -5.09 -10.38
C LEU B 198 12.17 -5.21 -10.60
N LYS B 199 11.56 -4.13 -11.07
CA LYS B 199 10.15 -4.12 -11.43
C LYS B 199 10.04 -3.67 -12.88
N LEU B 200 9.42 -4.50 -13.71
CA LEU B 200 9.20 -4.19 -15.11
C LEU B 200 7.75 -3.78 -15.30
N VAL B 201 7.54 -2.67 -16.02
CA VAL B 201 6.20 -2.14 -16.28
C VAL B 201 5.97 -2.10 -17.77
N ARG B 202 4.85 -2.65 -18.21
CA ARG B 202 4.45 -2.55 -19.61
C ARG B 202 2.96 -2.80 -19.71
N TRP B 203 2.22 -1.80 -20.20
CA TRP B 203 0.81 -1.95 -20.49
C TRP B 203 0.51 -1.99 -21.98
N HIS B 204 1.52 -1.78 -22.82
CA HIS B 204 1.36 -1.82 -24.26
C HIS B 204 1.43 -3.28 -24.73
N GLN B 205 1.41 -3.49 -26.04
CA GLN B 205 1.39 -4.84 -26.58
C GLN B 205 2.76 -5.49 -26.46
N ARG B 206 2.75 -6.81 -26.36
CA ARG B 206 3.99 -7.57 -26.27
C ARG B 206 4.65 -7.64 -27.65
N PRO B 207 5.90 -7.21 -27.80
CA PRO B 207 6.55 -7.27 -29.11
C PRO B 207 6.68 -8.70 -29.61
N GLN B 208 6.52 -8.87 -30.91
CA GLN B 208 6.61 -10.19 -31.52
C GLN B 208 8.04 -10.71 -31.44
N THR B 209 8.20 -11.95 -30.97
CA THR B 209 9.50 -12.57 -30.81
C THR B 209 9.47 -13.98 -31.38
N ASP B 210 10.65 -14.47 -31.76
CA ASP B 210 10.73 -15.80 -32.35
C ASP B 210 10.32 -16.87 -31.36
N ALA B 211 10.73 -16.74 -30.10
CA ALA B 211 10.43 -17.73 -29.08
C ALA B 211 9.93 -17.02 -27.82
N ALA B 212 9.25 -17.77 -26.97
CA ALA B 212 8.72 -17.20 -25.74
C ALA B 212 9.85 -16.86 -24.78
N GLY B 213 9.71 -15.70 -24.13
CA GLY B 213 10.69 -15.28 -23.14
C GLY B 213 12.01 -14.80 -23.66
N ASP B 214 12.07 -14.32 -24.90
CA ASP B 214 13.34 -13.85 -25.46
C ASP B 214 13.87 -12.65 -24.71
N GLU B 215 13.03 -11.61 -24.54
CA GLU B 215 13.48 -10.42 -23.82
C GLU B 215 13.69 -10.69 -22.34
N LEU B 216 12.87 -11.58 -21.76
CA LEU B 216 13.12 -11.99 -20.38
C LEU B 216 14.44 -12.75 -20.28
N LYS B 217 14.76 -13.58 -21.28
CA LYS B 217 16.04 -14.26 -21.29
C LYS B 217 17.20 -13.27 -21.36
N LEU B 218 17.05 -12.23 -22.19
CA LEU B 218 18.06 -11.17 -22.22
C LEU B 218 18.23 -10.55 -20.85
N LEU B 219 17.11 -10.19 -20.21
CA LEU B 219 17.16 -9.59 -18.88
C LEU B 219 17.88 -10.49 -17.89
N ILE B 220 17.55 -11.78 -17.92
CA ILE B 220 18.25 -12.76 -17.07
C ILE B 220 19.73 -12.74 -17.37
N SER B 221 20.11 -12.63 -18.65
CA SER B 221 21.53 -12.60 -19.00
C SER B 221 22.23 -11.40 -18.38
N GLU B 222 21.60 -10.23 -18.40
CA GLU B 222 22.26 -9.03 -17.86
C GLU B 222 21.89 -8.71 -16.42
N CYS B 223 21.15 -9.58 -15.73
CA CYS B 223 20.72 -9.29 -14.36
C CYS B 223 20.92 -10.51 -13.46
N GLY B 224 22.13 -11.07 -13.48
CA GLY B 224 22.42 -12.29 -12.76
C GLY B 224 22.17 -12.29 -11.27
N THR B 225 22.57 -11.22 -10.56
CA THR B 225 22.52 -11.18 -9.11
C THR B 225 21.18 -10.66 -8.58
N LEU B 226 20.12 -10.77 -9.36
CA LEU B 226 18.82 -10.27 -8.94
C LEU B 226 18.21 -11.17 -7.87
N LYS B 227 17.65 -10.55 -6.83
CA LYS B 227 16.97 -11.28 -5.77
C LYS B 227 15.46 -11.23 -5.86
N SER B 228 14.91 -10.16 -6.43
CA SER B 228 13.46 -9.98 -6.55
C SER B 228 13.11 -9.59 -7.97
N LEU B 229 12.06 -10.20 -8.51
CA LEU B 229 11.56 -9.88 -9.84
C LEU B 229 10.07 -9.60 -9.73
N ASP B 230 9.63 -8.48 -10.27
CA ASP B 230 8.26 -8.01 -10.13
C ASP B 230 7.66 -7.81 -11.52
N LEU B 231 6.81 -8.73 -11.94
CA LEU B 231 6.12 -8.65 -13.23
C LEU B 231 4.61 -8.51 -13.07
N SER B 232 4.16 -7.89 -11.98
CA SER B 232 2.73 -7.73 -11.75
C SER B 232 2.11 -6.64 -12.61
N SER B 233 2.92 -5.74 -13.17
CA SER B 233 2.44 -4.73 -14.12
C SER B 233 3.12 -4.86 -15.47
N PHE B 234 3.75 -5.99 -15.74
CA PHE B 234 4.47 -6.25 -16.98
C PHE B 234 3.65 -7.23 -17.80
N TYR B 235 3.18 -6.78 -18.96
CA TYR B 235 2.39 -7.64 -19.82
C TYR B 235 3.29 -8.55 -20.64
N CYS B 236 3.01 -9.84 -20.60
CA CYS B 236 3.70 -10.83 -21.41
C CYS B 236 2.82 -12.07 -21.47
N TRP B 237 3.21 -13.01 -22.32
CA TRP B 237 2.55 -14.30 -22.34
C TRP B 237 3.00 -15.14 -21.16
N THR B 238 2.08 -15.94 -20.62
CA THR B 238 2.43 -16.78 -19.48
C THR B 238 3.48 -17.82 -19.85
N ASP B 239 3.68 -18.05 -21.15
CA ASP B 239 4.73 -18.96 -21.59
C ASP B 239 6.12 -18.33 -21.51
N ASP B 240 6.20 -17.01 -21.34
CA ASP B 240 7.49 -16.34 -21.31
C ASP B 240 8.25 -16.64 -20.03
N VAL B 241 7.56 -16.63 -18.89
CA VAL B 241 8.20 -16.72 -17.58
C VAL B 241 8.89 -18.07 -17.37
N PRO B 242 8.21 -19.21 -17.53
CA PRO B 242 8.91 -20.48 -17.29
C PRO B 242 10.07 -20.72 -18.24
N ALA B 243 9.95 -20.29 -19.50
CA ALA B 243 11.05 -20.47 -20.44
C ALA B 243 12.28 -19.69 -20.01
N ALA B 244 12.09 -18.43 -19.61
CA ALA B 244 13.21 -17.62 -19.14
C ALA B 244 13.81 -18.18 -17.87
N LEU B 245 12.96 -18.62 -16.93
CA LEU B 245 13.48 -19.15 -15.68
C LEU B 245 14.25 -20.44 -15.90
N GLY B 246 13.77 -21.32 -16.78
CA GLY B 246 14.47 -22.54 -17.07
C GLY B 246 15.67 -22.37 -17.97
N SER B 247 15.79 -21.22 -18.64
CA SER B 247 16.95 -20.95 -19.47
C SER B 247 18.23 -20.89 -18.63
N CYS B 248 18.17 -20.22 -17.48
CA CYS B 248 19.34 -20.03 -16.62
C CYS B 248 19.01 -20.48 -15.20
N PRO B 249 19.44 -21.68 -14.80
CA PRO B 249 19.10 -22.17 -13.45
C PRO B 249 19.68 -21.31 -12.33
N THR B 250 20.85 -20.72 -12.51
CA THR B 250 21.48 -19.98 -11.42
C THR B 250 20.71 -18.70 -11.11
N PHE B 251 20.13 -18.06 -12.13
CA PHE B 251 19.30 -16.88 -11.88
C PHE B 251 18.07 -17.26 -11.05
N ALA B 252 17.38 -18.33 -11.44
CA ALA B 252 16.17 -18.72 -10.75
C ALA B 252 16.47 -19.19 -9.33
N ALA B 253 17.63 -19.82 -9.13
CA ALA B 253 17.99 -20.28 -7.80
C ALA B 253 18.24 -19.13 -6.84
N ASN B 254 18.67 -17.98 -7.35
CA ASN B 254 18.96 -16.83 -6.52
C ASN B 254 17.73 -15.99 -6.20
N LEU B 255 16.61 -16.23 -6.87
CA LEU B 255 15.41 -15.44 -6.64
C LEU B 255 14.81 -15.75 -5.28
N LYS B 256 14.52 -14.70 -4.51
CA LYS B 256 13.84 -14.84 -3.23
C LYS B 256 12.38 -14.41 -3.29
N SER B 257 12.03 -13.52 -4.22
CA SER B 257 10.66 -13.07 -4.40
C SER B 257 10.34 -13.04 -5.89
N LEU B 258 9.18 -13.57 -6.25
CA LEU B 258 8.75 -13.61 -7.64
C LEU B 258 7.28 -13.19 -7.69
N ASN B 259 7.01 -12.05 -8.31
CA ASN B 259 5.67 -11.48 -8.37
C ASN B 259 5.16 -11.62 -9.80
N LEU B 260 4.17 -12.49 -9.99
CA LEU B 260 3.55 -12.72 -11.30
C LEU B 260 2.05 -12.49 -11.20
N LEU B 261 1.64 -11.66 -10.26
CA LEU B 261 0.21 -11.40 -10.02
C LEU B 261 -0.27 -10.28 -10.94
N ASN B 262 -0.32 -10.62 -12.23
CA ASN B 262 -0.70 -9.69 -13.28
C ASN B 262 -2.15 -9.96 -13.68
N SER B 263 -3.01 -8.93 -13.57
CA SER B 263 -4.39 -9.07 -13.98
C SER B 263 -4.54 -9.04 -15.49
N SER B 264 -3.55 -8.54 -16.21
CA SER B 264 -3.65 -8.36 -17.65
C SER B 264 -3.45 -9.65 -18.43
N PHE B 265 -2.97 -10.70 -17.79
CA PHE B 265 -2.85 -11.99 -18.46
C PHE B 265 -4.23 -12.43 -18.96
N SER B 266 -4.30 -12.81 -20.24
CA SER B 266 -5.56 -13.27 -20.80
C SER B 266 -6.06 -14.52 -20.08
N GLU B 267 -5.16 -15.46 -19.83
CA GLU B 267 -5.43 -16.63 -19.03
C GLU B 267 -4.26 -16.82 -18.07
N GLY B 268 -4.55 -17.23 -16.85
CA GLY B 268 -3.52 -17.37 -15.85
C GLY B 268 -2.57 -18.51 -16.14
N PHE B 269 -1.56 -18.69 -15.29
CA PHE B 269 -0.59 -19.75 -15.49
C PHE B 269 -1.25 -21.11 -15.40
N LYS B 270 -0.83 -22.03 -16.26
CA LYS B 270 -1.35 -23.39 -16.24
C LYS B 270 -0.63 -24.20 -15.17
N SER B 271 -1.12 -25.42 -14.96
CA SER B 271 -0.52 -26.30 -13.95
C SER B 271 0.94 -26.60 -14.28
N ASP B 272 1.23 -26.90 -15.55
CA ASP B 272 2.60 -27.21 -15.94
C ASP B 272 3.50 -26.00 -15.81
N GLU B 273 2.99 -24.81 -16.18
CA GLU B 273 3.79 -23.60 -16.05
C GLU B 273 4.10 -23.31 -14.58
N ILE B 274 3.11 -23.50 -13.71
CA ILE B 274 3.34 -23.28 -12.27
C ILE B 274 4.36 -24.27 -11.75
N LYS B 275 4.25 -25.54 -12.16
CA LYS B 275 5.21 -26.55 -11.73
C LYS B 275 6.62 -26.19 -12.17
N ALA B 276 6.78 -25.77 -13.43
CA ALA B 276 8.10 -25.40 -13.93
C ALA B 276 8.65 -24.20 -13.19
N ILE B 277 7.81 -23.19 -12.94
CA ILE B 277 8.26 -21.99 -12.26
C ILE B 277 8.73 -22.32 -10.85
N THR B 278 7.94 -23.12 -10.12
CA THR B 278 8.30 -23.45 -8.75
C THR B 278 9.53 -24.36 -8.70
N LYS B 279 9.66 -25.28 -9.66
CA LYS B 279 10.83 -26.14 -9.70
C LYS B 279 12.10 -25.35 -9.98
N ALA B 280 12.01 -24.35 -10.87
CA ALA B 280 13.18 -23.55 -11.19
C ALA B 280 13.63 -22.70 -10.01
N CYS B 281 12.70 -22.27 -9.16
CA CYS B 281 13.03 -21.36 -8.07
C CYS B 281 12.78 -22.00 -6.71
N PRO B 282 13.78 -22.67 -6.12
CA PRO B 282 13.55 -23.34 -4.84
C PRO B 282 13.68 -22.42 -3.63
N ASN B 283 14.32 -21.26 -3.76
CA ASN B 283 14.62 -20.40 -2.62
C ASN B 283 13.65 -19.24 -2.49
N LEU B 284 12.45 -19.36 -3.07
CA LEU B 284 11.49 -18.27 -3.02
C LEU B 284 10.95 -18.08 -1.61
N ARG B 285 10.92 -16.83 -1.14
CA ARG B 285 10.21 -16.48 0.07
C ARG B 285 8.83 -15.92 -0.23
N GLU B 286 8.70 -15.20 -1.35
CA GLU B 286 7.45 -14.62 -1.79
C GLU B 286 7.13 -15.17 -3.17
N PHE B 287 5.93 -15.71 -3.33
CA PHE B 287 5.43 -16.17 -4.63
C PHE B 287 4.01 -15.66 -4.81
N ARG B 288 3.81 -14.82 -5.82
CA ARG B 288 2.49 -14.35 -6.21
C ARG B 288 2.31 -14.67 -7.69
N ALA B 289 1.14 -15.21 -8.03
CA ALA B 289 0.87 -15.57 -9.41
C ALA B 289 -0.62 -15.54 -9.67
N SER B 290 -0.98 -15.15 -10.89
CA SER B 290 -2.36 -15.26 -11.38
C SER B 290 -2.47 -16.56 -12.17
N CYS B 291 -3.34 -17.44 -11.71
CA CYS B 291 -3.42 -18.80 -12.23
C CYS B 291 -4.77 -19.03 -12.90
N MET B 292 -4.86 -20.15 -13.61
CA MET B 292 -6.10 -20.58 -14.25
C MET B 292 -6.67 -21.72 -13.41
N PHE B 293 -7.63 -21.39 -12.55
CA PHE B 293 -8.25 -22.38 -11.68
C PHE B 293 -9.58 -22.89 -12.21
N ASP B 294 -10.04 -22.40 -13.35
CA ASP B 294 -11.32 -22.82 -13.90
C ASP B 294 -11.17 -24.21 -14.51
N PRO B 295 -11.91 -25.21 -14.04
CA PRO B 295 -11.73 -26.57 -14.58
C PRO B 295 -12.27 -26.76 -15.98
N ARG B 296 -12.96 -25.77 -16.56
CA ARG B 296 -13.45 -25.89 -17.92
C ARG B 296 -12.31 -26.03 -18.93
N TYR B 297 -11.26 -25.24 -18.76
CA TYR B 297 -10.16 -25.21 -19.71
C TYR B 297 -9.18 -26.35 -19.45
N ILE B 298 -8.36 -26.64 -20.45
CA ILE B 298 -7.37 -27.71 -20.38
C ILE B 298 -6.08 -27.14 -19.80
N GLY B 299 -5.48 -27.86 -18.87
CA GLY B 299 -4.29 -27.41 -18.20
C GLY B 299 -4.53 -26.50 -17.02
N HIS B 300 -5.75 -26.45 -16.51
CA HIS B 300 -6.07 -25.59 -15.38
C HIS B 300 -5.25 -25.96 -14.16
N ALA B 301 -4.81 -24.95 -13.41
CA ALA B 301 -4.13 -25.19 -12.15
C ALA B 301 -5.08 -25.86 -11.17
N GLY B 302 -4.61 -26.89 -10.49
CA GLY B 302 -5.46 -27.68 -9.62
C GLY B 302 -4.69 -28.25 -8.45
N ASP B 303 -4.92 -29.53 -8.17
CA ASP B 303 -4.40 -30.15 -6.96
C ASP B 303 -2.89 -30.31 -7.03
N GLU B 304 -2.41 -30.86 -8.15
CA GLU B 304 -0.98 -31.12 -8.31
C GLU B 304 -0.16 -29.84 -8.35
N ALA B 305 -0.74 -28.76 -8.89
CA ALA B 305 -0.02 -27.49 -8.89
C ALA B 305 0.22 -26.99 -7.47
N LEU B 306 -0.78 -27.08 -6.61
CA LEU B 306 -0.61 -26.67 -5.21
C LEU B 306 0.40 -27.57 -4.50
N VAL B 307 0.33 -28.89 -4.75
CA VAL B 307 1.29 -29.79 -4.13
C VAL B 307 2.71 -29.45 -4.58
N SER B 308 2.88 -29.15 -5.87
CA SER B 308 4.19 -28.81 -6.39
C SER B 308 4.69 -27.49 -5.81
N ILE B 309 3.80 -26.53 -5.61
CA ILE B 309 4.19 -25.27 -4.97
C ILE B 309 4.68 -25.53 -3.56
N SER B 310 3.96 -26.36 -2.81
CA SER B 310 4.36 -26.65 -1.44
C SER B 310 5.69 -27.39 -1.39
N VAL B 311 5.90 -28.34 -2.30
CA VAL B 311 7.10 -29.17 -2.25
C VAL B 311 8.32 -28.41 -2.75
N ASN B 312 8.18 -27.71 -3.88
CA ASN B 312 9.34 -27.11 -4.54
C ASN B 312 9.84 -25.88 -3.79
N CYS B 313 8.96 -25.20 -3.05
CA CYS B 313 9.29 -23.98 -2.34
C CYS B 313 8.91 -24.11 -0.87
N PRO B 314 9.66 -24.92 -0.11
CA PRO B 314 9.32 -25.09 1.31
C PRO B 314 9.51 -23.83 2.13
N LYS B 315 10.32 -22.88 1.67
CA LYS B 315 10.66 -21.70 2.44
C LYS B 315 9.75 -20.51 2.16
N LEU B 316 8.58 -20.75 1.56
CA LEU B 316 7.68 -19.66 1.23
C LEU B 316 7.17 -18.98 2.48
N GLU B 317 7.25 -17.65 2.49
CA GLU B 317 6.64 -16.85 3.56
C GLU B 317 5.37 -16.16 3.11
N ILE B 318 5.24 -15.86 1.81
CA ILE B 318 4.03 -15.29 1.24
C ILE B 318 3.64 -16.14 0.04
N LEU B 319 2.38 -16.57 0.00
CA LEU B 319 1.85 -17.31 -1.13
C LEU B 319 0.53 -16.66 -1.52
N HIS B 320 0.53 -15.97 -2.66
CA HIS B 320 -0.65 -15.26 -3.16
C HIS B 320 -1.02 -15.85 -4.51
N LEU B 321 -2.00 -16.74 -4.53
CA LEU B 321 -2.49 -17.35 -5.75
C LEU B 321 -3.92 -16.88 -5.99
N ALA B 322 -4.18 -16.29 -7.15
CA ALA B 322 -5.48 -15.76 -7.46
C ALA B 322 -5.85 -16.10 -8.90
N ASP B 323 -7.12 -16.38 -9.12
CA ASP B 323 -7.64 -16.48 -10.47
C ASP B 323 -7.53 -15.12 -11.16
N THR B 324 -7.30 -15.15 -12.48
CA THR B 324 -7.12 -13.91 -13.22
C THR B 324 -8.36 -13.03 -13.13
N ASN B 325 -9.56 -13.63 -13.27
CA ASN B 325 -10.78 -12.85 -13.15
C ASN B 325 -10.93 -12.24 -11.76
N ALA B 326 -10.36 -12.88 -10.74
CA ALA B 326 -10.43 -12.31 -9.39
C ALA B 326 -9.61 -11.04 -9.27
N LEU B 327 -8.62 -10.85 -10.15
CA LEU B 327 -7.79 -9.65 -10.12
C LEU B 327 -8.39 -8.50 -10.90
N SER B 328 -9.52 -8.71 -11.57
CA SER B 328 -10.14 -7.65 -12.34
C SER B 328 -10.74 -6.58 -11.43
N SER B 329 -10.71 -5.33 -11.89
CA SER B 329 -11.31 -4.25 -11.12
C SER B 329 -12.83 -4.28 -11.21
N ALA B 330 -13.37 -4.76 -12.32
CA ALA B 330 -14.82 -4.82 -12.52
C ALA B 330 -15.40 -5.97 -11.71
N ARG B 331 -16.41 -5.67 -10.90
CA ARG B 331 -17.04 -6.70 -10.08
C ARG B 331 -17.84 -7.67 -10.91
N SER B 332 -18.16 -7.34 -12.16
CA SER B 332 -18.86 -8.26 -13.05
C SER B 332 -17.96 -9.39 -13.55
N ASP B 333 -16.66 -9.33 -13.27
CA ASP B 333 -15.73 -10.33 -13.77
C ASP B 333 -15.45 -11.45 -12.78
N PHE B 334 -15.65 -11.23 -11.48
CA PHE B 334 -15.37 -12.26 -10.49
C PHE B 334 -16.56 -12.61 -9.60
N ASP B 335 -17.55 -11.73 -9.48
CA ASP B 335 -18.70 -12.02 -8.63
C ASP B 335 -19.55 -13.10 -9.28
N PRO B 336 -19.79 -14.24 -8.62
CA PRO B 336 -20.63 -15.28 -9.24
C PRO B 336 -22.02 -14.81 -9.57
N ASP B 337 -22.58 -13.89 -8.77
CA ASP B 337 -23.89 -13.35 -9.07
C ASP B 337 -23.89 -12.57 -10.38
N GLU B 338 -22.83 -11.78 -10.61
CA GLU B 338 -22.78 -10.95 -11.81
C GLU B 338 -22.49 -11.77 -13.05
N ARG B 339 -21.72 -12.85 -12.92
CA ARG B 339 -21.45 -13.72 -14.06
C ARG B 339 -22.72 -14.48 -14.43
N GLU B 340 -22.95 -14.64 -15.73
CA GLU B 340 -24.18 -15.25 -16.24
C GLU B 340 -24.04 -16.77 -16.23
N GLY B 341 -24.05 -17.32 -15.01
CA GLY B 341 -23.91 -18.74 -14.82
C GLY B 341 -22.48 -19.24 -14.76
N LEU B 342 -21.50 -18.38 -15.02
CA LEU B 342 -20.11 -18.78 -14.92
C LEU B 342 -19.73 -18.95 -13.45
N GLY B 343 -18.64 -19.68 -13.24
CA GLY B 343 -18.34 -20.12 -11.88
C GLY B 343 -19.34 -21.17 -11.45
N GLN B 344 -19.76 -21.09 -10.19
CA GLN B 344 -20.79 -21.92 -9.60
C GLN B 344 -20.43 -23.40 -9.55
N GLU B 345 -19.25 -23.78 -10.06
CA GLU B 345 -18.80 -25.16 -10.04
C GLU B 345 -17.55 -25.26 -9.18
N GLU B 346 -17.24 -26.49 -8.76
CA GLU B 346 -16.13 -26.74 -7.85
C GLU B 346 -14.81 -26.65 -8.60
N ALA B 347 -13.84 -25.96 -8.01
CA ALA B 347 -12.48 -26.03 -8.49
C ALA B 347 -11.88 -27.39 -8.16
N LYS B 348 -10.82 -27.75 -8.87
CA LYS B 348 -10.18 -29.03 -8.62
C LYS B 348 -9.24 -28.92 -7.42
N ILE B 349 -9.76 -28.43 -6.31
CA ILE B 349 -9.01 -28.29 -5.06
C ILE B 349 -9.82 -29.00 -3.97
N ASN B 350 -9.14 -29.84 -3.19
CA ASN B 350 -9.78 -30.58 -2.12
C ASN B 350 -9.24 -30.14 -0.76
N ALA B 351 -10.02 -30.42 0.28
CA ALA B 351 -9.60 -30.09 1.63
C ALA B 351 -8.38 -30.89 2.06
N ALA B 352 -8.32 -32.18 1.69
CA ALA B 352 -7.18 -33.01 2.06
C ALA B 352 -5.89 -32.49 1.42
N THR B 353 -5.98 -32.09 0.15
CA THR B 353 -4.79 -31.55 -0.51
C THR B 353 -4.41 -30.20 0.06
N LEU B 354 -5.39 -29.40 0.49
CA LEU B 354 -5.07 -28.16 1.19
C LEU B 354 -4.34 -28.45 2.50
N ILE B 355 -4.76 -29.50 3.21
CA ILE B 355 -4.04 -29.92 4.42
C ILE B 355 -2.61 -30.29 4.08
N GLU B 356 -2.44 -31.06 3.00
CA GLU B 356 -1.10 -31.46 2.57
C GLU B 356 -0.23 -30.26 2.24
N VAL B 357 -0.81 -29.26 1.55
CA VAL B 357 -0.06 -28.07 1.17
C VAL B 357 0.32 -27.27 2.40
N PHE B 358 -0.63 -27.04 3.30
CA PHE B 358 -0.35 -26.24 4.49
C PHE B 358 0.64 -26.93 5.41
N SER B 359 0.65 -28.27 5.44
CA SER B 359 1.62 -28.99 6.24
C SER B 359 3.03 -28.79 5.71
N GLY B 360 3.17 -28.52 4.41
CA GLY B 360 4.47 -28.38 3.79
C GLY B 360 5.02 -26.97 3.79
N LEU B 361 4.31 -26.01 4.39
CA LEU B 361 4.74 -24.61 4.41
C LEU B 361 4.73 -24.11 5.85
N PRO B 362 5.75 -24.49 6.65
CA PRO B 362 5.76 -24.08 8.05
C PRO B 362 6.06 -22.60 8.25
N LEU B 363 6.76 -21.96 7.33
CA LEU B 363 7.18 -20.57 7.48
C LEU B 363 6.17 -19.58 6.92
N LEU B 364 5.00 -20.05 6.47
CA LEU B 364 4.03 -19.17 5.85
C LEU B 364 3.57 -18.08 6.81
N GLU B 365 3.60 -16.85 6.34
CA GLU B 365 3.14 -15.69 7.10
C GLU B 365 1.96 -14.98 6.47
N GLU B 366 1.80 -15.06 5.16
CA GLU B 366 0.67 -14.48 4.44
C GLU B 366 0.17 -15.49 3.44
N LEU B 367 -1.13 -15.74 3.44
CA LEU B 367 -1.75 -16.67 2.52
C LEU B 367 -2.93 -16.00 1.83
N ALA B 368 -2.99 -16.12 0.51
CA ALA B 368 -4.10 -15.60 -0.27
C ALA B 368 -4.43 -16.60 -1.37
N LEU B 369 -5.65 -17.13 -1.33
CA LEU B 369 -6.16 -18.04 -2.36
C LEU B 369 -7.50 -17.50 -2.82
N ASP B 370 -7.47 -16.59 -3.78
CA ASP B 370 -8.67 -15.94 -4.30
C ASP B 370 -9.06 -16.64 -5.60
N LEU B 371 -9.94 -17.62 -5.51
CA LEU B 371 -10.38 -18.40 -6.67
C LEU B 371 -11.73 -17.90 -7.16
N CYS B 372 -11.99 -18.13 -8.45
CA CYS B 372 -13.29 -17.84 -9.04
C CYS B 372 -14.18 -19.08 -9.10
N ASN B 373 -13.73 -20.20 -8.57
CA ASN B 373 -14.51 -21.42 -8.47
C ASN B 373 -14.57 -21.86 -7.02
N ASN B 374 -15.59 -22.65 -6.70
CA ASN B 374 -15.92 -22.95 -5.32
C ASN B 374 -15.03 -24.04 -4.74
N VAL B 375 -14.64 -23.85 -3.48
CA VAL B 375 -13.99 -24.88 -2.67
C VAL B 375 -14.82 -25.04 -1.41
N ARG B 376 -15.42 -26.20 -1.23
CA ARG B 376 -16.42 -26.40 -0.18
C ARG B 376 -15.88 -27.33 0.90
N ASP B 377 -16.46 -27.21 2.09
CA ASP B 377 -16.05 -27.98 3.27
C ASP B 377 -14.57 -27.77 3.55
N SER B 378 -14.12 -26.52 3.46
CA SER B 378 -12.72 -26.17 3.65
C SER B 378 -12.36 -25.87 5.10
N GLY B 379 -13.31 -26.00 6.02
CA GLY B 379 -13.07 -25.74 7.41
C GLY B 379 -11.99 -26.61 8.03
N PRO B 380 -12.06 -27.93 7.82
CA PRO B 380 -10.97 -28.80 8.29
C PRO B 380 -9.61 -28.44 7.73
N ALA B 381 -9.56 -27.98 6.47
CA ALA B 381 -8.29 -27.54 5.89
C ALA B 381 -7.77 -26.30 6.58
N LEU B 382 -8.66 -25.37 6.92
CA LEU B 382 -8.23 -24.14 7.60
C LEU B 382 -7.84 -24.39 9.04
N GLU B 383 -8.40 -25.44 9.66
CA GLU B 383 -8.00 -25.79 11.01
C GLU B 383 -6.52 -26.17 11.08
N VAL B 384 -6.03 -26.83 10.03
CA VAL B 384 -4.62 -27.21 9.98
C VAL B 384 -3.72 -25.99 9.91
N LEU B 385 -4.23 -24.86 9.41
CA LEU B 385 -3.40 -23.65 9.30
C LEU B 385 -2.94 -23.17 10.66
N ASN B 386 -3.80 -23.25 11.68
CA ASN B 386 -3.44 -22.76 13.00
C ASN B 386 -2.27 -23.53 13.59
N SER B 387 -2.27 -24.86 13.41
CA SER B 387 -1.23 -25.68 14.02
C SER B 387 0.03 -25.72 13.18
N LYS B 388 -0.11 -25.94 11.87
CA LYS B 388 1.05 -26.13 11.01
C LYS B 388 1.70 -24.83 10.54
N CYS B 389 1.04 -23.68 10.73
CA CYS B 389 1.55 -22.38 10.31
C CYS B 389 1.47 -21.42 11.49
N PRO B 390 2.39 -21.54 12.45
CA PRO B 390 2.36 -20.64 13.61
C PRO B 390 2.55 -19.17 13.27
N LYS B 391 3.28 -18.86 12.21
CA LYS B 391 3.62 -17.48 11.87
C LYS B 391 2.59 -16.84 10.95
N LEU B 392 1.50 -17.52 10.64
CA LEU B 392 0.49 -17.00 9.73
C LEU B 392 -0.27 -15.86 10.39
N LYS B 393 -0.21 -14.67 9.78
CA LYS B 393 -0.87 -13.50 10.31
C LYS B 393 -1.95 -12.93 9.40
N SER B 394 -1.95 -13.28 8.12
CA SER B 394 -2.92 -12.74 7.17
C SER B 394 -3.45 -13.86 6.30
N VAL B 395 -4.77 -13.89 6.12
CA VAL B 395 -5.45 -14.88 5.28
C VAL B 395 -6.44 -14.14 4.39
N LYS B 396 -6.40 -14.46 3.10
CA LYS B 396 -7.35 -13.92 2.13
C LYS B 396 -7.93 -15.09 1.34
N LEU B 397 -9.24 -15.30 1.45
CA LEU B 397 -9.90 -16.43 0.82
C LEU B 397 -10.95 -15.94 -0.16
N GLY B 398 -11.02 -16.60 -1.32
CA GLY B 398 -12.01 -16.28 -2.32
C GLY B 398 -12.81 -17.50 -2.74
N GLN B 399 -14.12 -17.45 -2.53
CA GLN B 399 -15.03 -18.55 -2.84
C GLN B 399 -14.64 -19.85 -2.13
N PHE B 400 -14.17 -19.72 -0.89
CA PHE B 400 -13.96 -20.86 -0.02
C PHE B 400 -15.19 -21.00 0.87
N HIS B 401 -15.74 -22.20 0.95
CA HIS B 401 -16.95 -22.44 1.71
C HIS B 401 -16.67 -23.26 2.96
N GLY B 402 -17.65 -23.26 3.86
CA GLY B 402 -17.48 -23.90 5.15
C GLY B 402 -16.40 -23.24 5.99
N ILE B 403 -16.28 -21.92 5.89
CA ILE B 403 -15.23 -21.19 6.59
C ILE B 403 -15.43 -21.28 8.10
N SER B 404 -16.67 -21.11 8.56
CA SER B 404 -16.99 -21.16 9.98
C SER B 404 -18.40 -21.73 10.11
N LEU B 405 -18.50 -22.97 10.61
CA LEU B 405 -19.77 -23.66 10.79
C LEU B 405 -19.84 -24.13 12.25
N PRO B 406 -20.03 -23.21 13.18
CA PRO B 406 -19.97 -23.58 14.61
C PRO B 406 -21.18 -24.40 15.02
N VAL B 407 -20.93 -25.42 15.84
CA VAL B 407 -21.98 -26.21 16.48
C VAL B 407 -21.87 -25.99 17.98
N GLU B 408 -23.03 -25.83 18.64
CA GLU B 408 -23.08 -25.52 20.06
C GLU B 408 -22.25 -24.28 20.37
N SER B 409 -21.02 -24.49 20.84
CA SER B 409 -20.11 -23.41 21.12
C SER B 409 -18.69 -23.66 20.63
N LYS B 410 -18.44 -24.80 19.99
CA LYS B 410 -17.10 -25.12 19.52
C LYS B 410 -16.70 -24.22 18.36
N LEU B 411 -15.44 -23.78 18.38
CA LEU B 411 -14.87 -23.04 17.27
C LEU B 411 -14.27 -24.02 16.26
N ASP B 412 -14.29 -23.62 14.99
CA ASP B 412 -13.79 -24.48 13.92
C ASP B 412 -13.43 -23.62 12.72
N GLY B 413 -12.67 -24.23 11.80
CA GLY B 413 -12.28 -23.52 10.59
C GLY B 413 -11.38 -22.35 10.89
N ILE B 414 -11.59 -21.25 10.17
CA ILE B 414 -10.76 -20.06 10.34
C ILE B 414 -10.86 -19.49 11.75
N ALA B 415 -11.92 -19.85 12.49
CA ALA B 415 -12.04 -19.40 13.87
C ALA B 415 -10.94 -19.97 14.76
N LEU B 416 -10.30 -21.07 14.35
CA LEU B 416 -9.20 -21.62 15.14
C LEU B 416 -7.94 -20.78 15.02
N CYS B 417 -7.75 -20.09 13.90
CA CYS B 417 -6.54 -19.31 13.68
C CYS B 417 -6.54 -18.06 14.54
N GLN B 418 -5.97 -18.14 15.73
CA GLN B 418 -5.95 -17.02 16.66
C GLN B 418 -4.86 -16.00 16.35
N GLY B 419 -3.89 -16.35 15.52
CA GLY B 419 -2.82 -15.42 15.19
C GLY B 419 -3.10 -14.50 14.03
N LEU B 420 -4.31 -14.55 13.47
CA LEU B 420 -4.64 -13.72 12.32
C LEU B 420 -4.73 -12.25 12.72
N GLU B 421 -4.07 -11.39 11.95
CA GLU B 421 -4.23 -9.96 12.08
C GLU B 421 -5.04 -9.35 10.96
N SER B 422 -5.14 -10.01 9.81
CA SER B 422 -5.94 -9.57 8.68
C SER B 422 -6.68 -10.76 8.11
N LEU B 423 -7.94 -10.55 7.73
CA LEU B 423 -8.76 -11.62 7.17
C LEU B 423 -9.68 -11.04 6.11
N SER B 424 -9.58 -11.55 4.89
CA SER B 424 -10.45 -11.18 3.79
C SER B 424 -11.29 -12.37 3.38
N ILE B 425 -12.60 -12.19 3.34
CA ILE B 425 -13.56 -13.24 3.06
C ILE B 425 -14.43 -12.83 1.88
N ARG B 426 -14.53 -13.70 0.88
CA ARG B 426 -15.33 -13.40 -0.30
C ARG B 426 -16.17 -14.59 -0.70
N ASN B 427 -17.47 -14.35 -0.86
CA ASN B 427 -18.40 -15.32 -1.45
C ASN B 427 -18.41 -16.64 -0.68
N VAL B 428 -18.86 -16.54 0.57
CA VAL B 428 -19.07 -17.71 1.42
C VAL B 428 -20.57 -17.86 1.62
N ASP B 429 -21.13 -18.92 1.04
CA ASP B 429 -22.57 -19.14 1.14
C ASP B 429 -22.96 -19.66 2.53
N ASP B 430 -22.07 -20.40 3.18
CA ASP B 430 -22.42 -21.03 4.45
C ASP B 430 -22.34 -20.06 5.62
N LEU B 431 -21.73 -18.90 5.42
CA LEU B 431 -21.45 -17.99 6.54
C LEU B 431 -22.72 -17.32 7.01
N THR B 432 -23.11 -17.59 8.25
CA THR B 432 -24.24 -16.94 8.90
C THR B 432 -23.75 -16.00 9.99
N ASP B 433 -24.70 -15.43 10.73
CA ASP B 433 -24.33 -14.56 11.85
C ASP B 433 -23.56 -15.33 12.91
N MET B 434 -23.95 -16.58 13.19
CA MET B 434 -23.23 -17.38 14.17
C MET B 434 -21.79 -17.62 13.73
N GLY B 435 -21.58 -17.89 12.44
CA GLY B 435 -20.22 -18.06 11.95
C GLY B 435 -19.39 -16.80 12.06
N LEU B 436 -20.00 -15.65 11.76
CA LEU B 436 -19.29 -14.38 11.89
C LEU B 436 -18.90 -14.10 13.34
N ILE B 437 -19.83 -14.38 14.27
CA ILE B 437 -19.52 -14.18 15.68
C ILE B 437 -18.44 -15.15 16.14
N ALA B 438 -18.46 -16.38 15.60
CA ALA B 438 -17.41 -17.33 15.92
C ALA B 438 -16.05 -16.86 15.41
N ILE B 439 -16.01 -16.27 14.22
CA ILE B 439 -14.76 -15.71 13.70
C ILE B 439 -14.28 -14.57 14.59
N GLY B 440 -15.20 -13.70 15.01
CA GLY B 440 -14.83 -12.61 15.89
C GLY B 440 -14.29 -13.09 17.23
N ARG B 441 -14.90 -14.15 17.78
CA ARG B 441 -14.43 -14.71 19.03
C ARG B 441 -13.05 -15.36 18.88
N GLY B 442 -12.90 -16.22 17.89
CA GLY B 442 -11.65 -16.96 17.74
C GLY B 442 -10.50 -16.09 17.29
N CYS B 443 -10.73 -15.24 16.30
CA CYS B 443 -9.70 -14.35 15.78
C CYS B 443 -9.79 -13.02 16.53
N TYR B 444 -9.34 -13.05 17.78
CA TYR B 444 -9.41 -11.89 18.65
C TYR B 444 -8.32 -10.87 18.37
N ARG B 445 -7.39 -11.16 17.47
CA ARG B 445 -6.30 -10.26 17.14
C ARG B 445 -6.51 -9.54 15.83
N LEU B 446 -7.70 -9.64 15.23
CA LEU B 446 -7.93 -9.08 13.91
C LEU B 446 -7.89 -7.55 13.95
N ALA B 447 -7.05 -6.97 13.11
CA ALA B 447 -7.00 -5.53 12.91
C ALA B 447 -7.68 -5.10 11.63
N LYS B 448 -7.61 -5.93 10.59
CA LYS B 448 -8.28 -5.67 9.32
C LYS B 448 -9.24 -6.80 9.01
N PHE B 449 -10.48 -6.46 8.68
CA PHE B 449 -11.47 -7.44 8.29
C PHE B 449 -12.14 -6.99 6.98
N GLU B 450 -12.29 -7.94 6.06
CA GLU B 450 -12.87 -7.67 4.76
C GLU B 450 -13.83 -8.80 4.40
N VAL B 451 -15.09 -8.46 4.15
CA VAL B 451 -16.10 -9.44 3.78
C VAL B 451 -16.76 -8.99 2.48
N TYR B 452 -16.89 -9.92 1.53
CA TYR B 452 -17.49 -9.63 0.24
C TYR B 452 -18.51 -10.69 -0.11
N GLY B 453 -19.69 -10.25 -0.52
CA GLY B 453 -20.69 -11.13 -1.12
C GLY B 453 -21.22 -12.25 -0.26
N CYS B 454 -21.53 -11.98 1.00
CA CYS B 454 -22.11 -12.97 1.90
C CYS B 454 -23.59 -12.65 2.08
N LYS B 455 -24.45 -13.52 1.55
CA LYS B 455 -25.87 -13.23 1.49
C LYS B 455 -26.56 -13.36 2.84
N LYS B 456 -26.08 -14.26 3.69
CA LYS B 456 -26.83 -14.63 4.89
C LYS B 456 -26.43 -13.83 6.13
N ILE B 457 -25.35 -13.06 6.10
CA ILE B 457 -24.93 -12.32 7.28
C ILE B 457 -25.83 -11.09 7.43
N THR B 458 -25.97 -10.65 8.68
CA THR B 458 -26.96 -9.64 9.05
C THR B 458 -26.28 -8.62 9.96
N VAL B 459 -26.87 -7.42 10.03
CA VAL B 459 -26.32 -6.34 10.86
C VAL B 459 -26.14 -6.81 12.30
N ARG B 460 -26.97 -7.74 12.76
CA ARG B 460 -26.81 -8.28 14.11
C ARG B 460 -25.47 -8.97 14.28
N GLY B 461 -25.15 -9.90 13.38
CA GLY B 461 -23.89 -10.61 13.48
C GLY B 461 -22.69 -9.73 13.27
N MET B 462 -22.79 -8.81 12.29
CA MET B 462 -21.68 -7.90 12.03
C MET B 462 -21.43 -6.97 13.22
N ARG B 463 -22.51 -6.47 13.84
CA ARG B 463 -22.35 -5.63 15.02
C ARG B 463 -21.75 -6.40 16.19
N THR B 464 -22.19 -7.65 16.39
CA THR B 464 -21.60 -8.47 17.45
C THR B 464 -20.12 -8.72 17.20
N MET B 465 -19.75 -9.01 15.94
CA MET B 465 -18.35 -9.21 15.60
C MET B 465 -17.53 -7.94 15.84
N ALA B 466 -18.08 -6.78 15.47
CA ALA B 466 -17.37 -5.52 15.69
C ALA B 466 -17.19 -5.24 17.17
N SER B 467 -18.22 -5.53 17.97
CA SER B 467 -18.10 -5.34 19.42
C SER B 467 -17.06 -6.27 20.01
N LEU B 468 -17.02 -7.53 19.55
CA LEU B 468 -16.03 -8.47 20.06
C LEU B 468 -14.62 -8.05 19.68
N LEU B 469 -14.46 -7.34 18.56
CA LEU B 469 -13.15 -6.91 18.08
C LEU B 469 -12.91 -5.42 18.27
N ARG B 470 -13.61 -4.79 19.22
CA ARG B 470 -13.51 -3.35 19.39
C ARG B 470 -12.15 -2.89 19.88
N LYS B 471 -11.28 -3.81 20.31
CA LYS B 471 -9.97 -3.41 20.82
C LYS B 471 -8.89 -3.44 19.75
N THR B 472 -9.13 -4.06 18.61
CA THR B 472 -8.09 -4.20 17.58
C THR B 472 -8.55 -3.77 16.20
N LEU B 473 -9.85 -3.91 15.92
CA LEU B 473 -10.36 -3.69 14.57
C LEU B 473 -10.27 -2.22 14.20
N VAL B 474 -9.54 -1.92 13.12
CA VAL B 474 -9.40 -0.54 12.65
C VAL B 474 -9.64 -0.38 11.16
N ASP B 475 -9.80 -1.45 10.39
CA ASP B 475 -9.97 -1.37 8.94
C ASP B 475 -11.01 -2.41 8.55
N VAL B 476 -12.20 -1.96 8.17
CA VAL B 476 -13.33 -2.83 7.88
C VAL B 476 -13.82 -2.55 6.46
N LYS B 477 -14.13 -3.61 5.73
CA LYS B 477 -14.73 -3.50 4.41
C LYS B 477 -15.93 -4.45 4.33
N ILE B 478 -17.09 -3.92 3.99
CA ILE B 478 -18.29 -4.72 3.76
C ILE B 478 -18.80 -4.38 2.37
N ALA B 479 -18.79 -5.37 1.48
CA ALA B 479 -19.13 -5.14 0.09
C ALA B 479 -20.03 -6.26 -0.43
N ALA B 480 -21.00 -5.89 -1.27
CA ALA B 480 -21.85 -6.82 -2.00
C ALA B 480 -22.62 -7.75 -1.08
N CYS B 481 -22.94 -7.29 0.13
CA CYS B 481 -23.71 -8.07 1.08
C CYS B 481 -25.18 -7.69 0.93
N LYS B 482 -26.02 -8.70 0.63
CA LYS B 482 -27.41 -8.42 0.28
C LYS B 482 -28.17 -7.78 1.42
N LYS B 483 -27.98 -8.29 2.64
CA LYS B 483 -28.68 -7.76 3.80
C LYS B 483 -27.94 -6.64 4.49
N LEU B 484 -26.75 -6.26 4.01
CA LEU B 484 -25.96 -5.20 4.60
C LEU B 484 -25.75 -4.10 3.57
N GLY B 485 -26.58 -3.06 3.64
CA GLY B 485 -26.42 -1.88 2.81
C GLY B 485 -25.53 -0.86 3.47
N ALA B 486 -25.61 0.38 2.96
CA ALA B 486 -24.83 1.46 3.52
C ALA B 486 -25.28 1.78 4.95
N VAL B 487 -26.59 1.91 5.15
CA VAL B 487 -27.12 2.15 6.48
C VAL B 487 -26.81 0.97 7.39
N GLN B 488 -26.97 -0.25 6.86
CA GLN B 488 -26.69 -1.45 7.66
C GLN B 488 -25.24 -1.50 8.08
N SER B 489 -24.31 -1.21 7.15
CA SER B 489 -22.89 -1.27 7.47
C SER B 489 -22.52 -0.21 8.48
N LEU B 490 -23.03 1.01 8.31
CA LEU B 490 -22.69 2.08 9.25
C LEU B 490 -23.29 1.82 10.62
N LYS B 491 -24.45 1.16 10.68
CA LYS B 491 -25.01 0.76 11.97
C LYS B 491 -24.18 -0.36 12.60
N ALA B 492 -23.76 -1.33 11.80
CA ALA B 492 -22.99 -2.45 12.33
C ALA B 492 -21.63 -2.00 12.84
N LEU B 493 -21.06 -0.95 12.27
CA LEU B 493 -19.78 -0.45 12.76
C LEU B 493 -19.93 0.52 13.91
N GLU B 494 -21.05 0.50 14.62
CA GLU B 494 -21.22 1.36 15.78
C GLU B 494 -20.22 1.09 16.90
N PRO B 495 -19.93 -0.15 17.29
CA PRO B 495 -18.98 -0.35 18.40
C PRO B 495 -17.60 0.22 18.14
N ILE B 496 -17.14 0.23 16.89
CA ILE B 496 -15.81 0.73 16.55
C ILE B 496 -15.90 2.07 15.82
N GLN B 497 -16.99 2.80 16.00
CA GLN B 497 -17.16 4.07 15.30
C GLN B 497 -16.06 5.06 15.67
N ASP B 498 -15.69 5.11 16.95
CA ASP B 498 -14.64 6.02 17.39
C ASP B 498 -13.24 5.45 17.20
N ARG B 499 -13.11 4.21 16.73
CA ARG B 499 -11.82 3.56 16.60
C ARG B 499 -11.45 3.19 15.17
N VAL B 500 -12.42 3.03 14.28
CA VAL B 500 -12.13 2.60 12.92
C VAL B 500 -11.38 3.69 12.18
N GLU B 501 -10.36 3.29 11.42
CA GLU B 501 -9.49 4.22 10.69
C GLU B 501 -9.71 4.19 9.20
N ARG B 502 -9.92 3.01 8.62
CA ARG B 502 -10.18 2.84 7.20
C ARG B 502 -11.49 2.11 7.03
N LEU B 503 -12.26 2.48 6.01
CA LEU B 503 -13.62 2.00 5.87
C LEU B 503 -13.98 1.86 4.39
N HIS B 504 -14.68 0.79 4.07
CA HIS B 504 -15.32 0.64 2.76
C HIS B 504 -16.75 0.18 2.96
N ILE B 505 -17.69 0.87 2.31
CA ILE B 505 -19.08 0.45 2.28
C ILE B 505 -19.59 0.59 0.85
N ASP B 506 -20.61 -0.20 0.52
CA ASP B 506 -21.29 -0.05 -0.75
C ASP B 506 -22.46 0.92 -0.59
N CYS B 507 -22.61 1.83 -1.55
CA CYS B 507 -23.65 2.84 -1.49
C CYS B 507 -24.97 2.24 -1.97
N ASP B 508 -25.52 1.36 -1.13
CA ASP B 508 -26.77 0.66 -1.39
C ASP B 508 -27.84 1.36 -0.55
N TRP B 509 -28.68 2.16 -1.20
CA TRP B 509 -29.63 3.01 -0.50
C TRP B 509 -30.98 2.36 -0.24
N ASP B 510 -31.32 1.28 -0.91
CA ASP B 510 -32.66 0.71 -0.82
C ASP B 510 -32.74 -0.53 0.04
N CYS B 511 -31.79 -0.73 0.96
CA CYS B 511 -31.86 -1.87 1.86
C CYS B 511 -33.06 -1.72 2.80
N PRO B 512 -33.95 -2.71 2.89
CA PRO B 512 -35.20 -2.57 3.66
C PRO B 512 -35.07 -2.86 5.17
N ASP B 513 -34.73 -1.82 5.92
CA ASP B 513 -34.85 -1.89 7.38
C ASP B 513 -35.40 -0.58 7.95
N ASP B 564 -20.13 10.12 20.82
CA ASP B 564 -21.51 10.04 20.36
C ASP B 564 -21.59 9.40 18.97
N LYS B 565 -21.60 10.24 17.94
CA LYS B 565 -21.65 9.78 16.56
C LYS B 565 -20.50 10.33 15.73
N THR B 566 -19.35 10.58 16.35
CA THR B 566 -18.21 11.15 15.65
C THR B 566 -17.23 10.05 15.25
N TRP B 567 -16.88 10.02 13.96
CA TRP B 567 -15.87 9.10 13.45
C TRP B 567 -14.50 9.72 13.75
N ALA B 568 -14.05 9.52 14.99
CA ALA B 568 -12.90 10.26 15.49
C ALA B 568 -11.62 9.94 14.73
N ARG B 569 -11.39 8.66 14.44
CA ARG B 569 -10.14 8.22 13.84
C ARG B 569 -10.26 7.90 12.35
N LEU B 570 -11.44 8.07 11.76
CA LEU B 570 -11.65 7.69 10.36
C LEU B 570 -10.84 8.61 9.45
N ARG B 571 -9.85 8.05 8.77
CA ARG B 571 -8.98 8.81 7.89
C ARG B 571 -9.19 8.51 6.41
N TYR B 572 -9.72 7.35 6.07
CA TYR B 572 -9.88 6.93 4.68
C TYR B 572 -11.22 6.24 4.51
N VAL B 573 -11.95 6.61 3.47
CA VAL B 573 -13.24 6.00 3.15
C VAL B 573 -13.21 5.56 1.70
N SER B 574 -13.61 4.32 1.46
CA SER B 574 -13.73 3.77 0.12
C SER B 574 -15.19 3.49 -0.16
N LEU B 575 -15.68 3.95 -1.31
CA LEU B 575 -17.08 3.80 -1.68
C LEU B 575 -17.20 3.06 -3.00
N TRP B 576 -18.18 2.17 -3.08
CA TRP B 576 -18.59 1.57 -4.34
C TRP B 576 -20.06 1.90 -4.56
N ILE B 577 -20.39 2.32 -5.79
CA ILE B 577 -21.74 2.73 -6.13
C ILE B 577 -22.03 2.32 -7.56
N PHE B 578 -23.28 1.97 -7.82
CA PHE B 578 -23.70 1.61 -9.16
C PHE B 578 -23.90 2.86 -10.01
N VAL B 579 -23.79 2.70 -11.33
CA VAL B 579 -23.89 3.84 -12.22
C VAL B 579 -25.29 4.42 -12.17
N GLY B 580 -25.38 5.75 -12.16
CA GLY B 580 -26.65 6.44 -12.12
C GLY B 580 -27.20 6.69 -10.74
N GLN B 581 -26.56 6.18 -9.70
CA GLN B 581 -27.02 6.40 -8.33
C GLN B 581 -26.39 7.66 -7.76
N LEU B 582 -27.09 8.30 -6.84
CA LEU B 582 -26.66 9.56 -6.27
C LEU B 582 -25.80 9.35 -5.03
N LEU B 583 -24.94 10.33 -4.76
CA LEU B 583 -24.10 10.32 -3.56
C LEU B 583 -24.70 11.09 -2.41
N THR B 584 -25.79 11.81 -2.64
CA THR B 584 -26.37 12.65 -1.59
C THR B 584 -26.78 11.91 -0.32
N PRO B 585 -27.40 10.72 -0.35
CA PRO B 585 -27.83 10.09 0.91
C PRO B 585 -26.70 9.67 1.83
N LEU B 586 -25.44 9.83 1.43
CA LEU B 586 -24.32 9.34 2.22
C LEU B 586 -24.33 9.94 3.64
N VAL B 587 -24.50 11.25 3.74
CA VAL B 587 -24.54 11.88 5.06
C VAL B 587 -25.76 11.40 5.84
N ALA B 588 -26.87 11.15 5.14
CA ALA B 588 -28.03 10.60 5.83
C ALA B 588 -27.81 9.15 6.24
N ALA B 589 -26.86 8.46 5.59
CA ALA B 589 -26.62 7.06 5.90
C ALA B 589 -25.90 6.87 7.22
N GLY B 590 -25.15 7.87 7.68
CA GLY B 590 -24.45 7.75 8.94
C GLY B 590 -23.09 8.42 8.97
N LEU B 591 -22.52 8.70 7.79
CA LEU B 591 -21.22 9.36 7.70
C LEU B 591 -21.43 10.86 7.82
N ASN B 592 -21.75 11.29 9.04
CA ASN B 592 -22.04 12.70 9.30
C ASN B 592 -20.81 13.46 9.79
N ASP B 593 -20.25 13.04 10.91
CA ASP B 593 -19.15 13.77 11.56
C ASP B 593 -17.87 12.96 11.42
N CYS B 594 -17.04 13.36 10.44
CA CYS B 594 -15.74 12.72 10.19
C CYS B 594 -14.69 13.81 10.16
N PRO B 595 -14.25 14.29 11.33
CA PRO B 595 -13.27 15.38 11.36
C PRO B 595 -11.94 15.04 10.74
N GLU B 596 -11.50 13.77 10.81
CA GLU B 596 -10.18 13.37 10.35
C GLU B 596 -10.18 12.76 8.96
N LEU B 597 -11.31 12.76 8.27
CA LEU B 597 -11.40 12.14 6.94
C LEU B 597 -10.62 12.98 5.94
N GLU B 598 -9.55 12.43 5.40
CA GLU B 598 -8.67 13.14 4.48
C GLU B 598 -8.78 12.65 3.05
N GLU B 599 -8.96 11.34 2.85
CA GLU B 599 -8.97 10.75 1.52
C GLU B 599 -10.24 9.93 1.35
N ILE B 600 -10.92 10.11 0.23
CA ILE B 600 -12.08 9.32 -0.14
C ILE B 600 -11.86 8.76 -1.54
N SER B 601 -12.17 7.49 -1.71
CA SER B 601 -12.05 6.81 -3.00
C SER B 601 -13.42 6.32 -3.41
N ILE B 602 -13.89 6.77 -4.57
CA ILE B 602 -15.20 6.42 -5.09
C ILE B 602 -15.02 5.62 -6.38
N LYS B 603 -15.58 4.43 -6.42
CA LYS B 603 -15.55 3.60 -7.61
C LYS B 603 -16.98 3.43 -8.12
N VAL B 604 -17.19 3.73 -9.40
CA VAL B 604 -18.49 3.61 -10.04
C VAL B 604 -18.39 2.53 -11.11
N GLU B 605 -19.36 1.63 -11.11
CA GLU B 605 -19.37 0.53 -12.05
C GLU B 605 -20.80 0.30 -12.54
N GLY B 606 -20.92 -0.12 -13.78
CA GLY B 606 -22.23 -0.43 -14.36
C GLY B 606 -22.24 -0.14 -15.84
N ASP B 607 -23.22 -0.72 -16.52
CA ASP B 607 -23.45 -0.51 -17.94
C ASP B 607 -24.56 0.50 -18.10
N CYS B 608 -24.22 1.71 -18.53
CA CYS B 608 -25.21 2.75 -18.72
C CYS B 608 -25.80 2.76 -20.13
N ARG B 609 -25.43 1.79 -20.97
CA ARG B 609 -26.08 1.63 -22.26
C ARG B 609 -27.53 1.21 -22.11
N VAL B 610 -27.90 0.65 -20.96
CA VAL B 610 -29.29 0.30 -20.69
C VAL B 610 -29.94 1.24 -19.68
N LEU B 611 -29.16 2.03 -18.95
CA LEU B 611 -29.73 2.98 -18.00
C LEU B 611 -30.37 4.15 -18.73
N SER B 612 -31.46 4.65 -18.14
CA SER B 612 -32.10 5.85 -18.66
C SER B 612 -31.37 7.09 -18.17
N ARG B 613 -31.66 8.21 -18.80
CA ARG B 613 -31.06 9.48 -18.40
C ARG B 613 -31.54 9.83 -17.00
N PRO B 614 -30.64 10.15 -16.07
CA PRO B 614 -31.07 10.44 -14.70
C PRO B 614 -31.90 11.70 -14.62
N THR B 615 -32.84 11.70 -13.66
CA THR B 615 -33.71 12.85 -13.46
C THR B 615 -33.05 13.95 -12.64
N VAL B 616 -31.87 13.70 -12.07
CA VAL B 616 -31.15 14.68 -11.28
C VAL B 616 -29.94 15.14 -12.07
N ARG B 617 -29.58 16.42 -11.88
CA ARG B 617 -28.54 17.03 -12.71
C ARG B 617 -27.16 16.47 -12.37
N GLU B 618 -26.84 16.32 -11.09
CA GLU B 618 -25.48 16.04 -10.66
C GLU B 618 -25.42 14.78 -9.83
N PHE B 619 -24.26 14.13 -9.86
CA PHE B 619 -24.02 12.96 -9.02
C PHE B 619 -24.06 13.33 -7.54
N GLY B 620 -23.49 14.47 -7.18
CA GLY B 620 -23.55 14.93 -5.81
C GLY B 620 -22.20 15.04 -5.11
N LEU B 621 -21.15 15.38 -5.87
CA LEU B 621 -19.83 15.52 -5.27
C LEU B 621 -19.80 16.60 -4.20
N THR B 622 -20.66 17.62 -4.33
CA THR B 622 -20.71 18.68 -3.34
C THR B 622 -21.08 18.17 -1.95
N THR B 623 -21.69 16.99 -1.85
CA THR B 623 -21.94 16.38 -0.55
C THR B 623 -20.64 16.21 0.23
N LEU B 624 -19.53 15.96 -0.46
CA LEU B 624 -18.24 15.82 0.20
C LEU B 624 -17.75 17.11 0.84
N LEU B 625 -18.47 18.22 0.64
CA LEU B 625 -18.18 19.43 1.41
C LEU B 625 -18.55 19.27 2.89
N ASN B 626 -19.28 18.21 3.24
CA ASN B 626 -19.60 17.96 4.64
C ASN B 626 -18.36 17.60 5.46
N TYR B 627 -17.29 17.15 4.80
CA TYR B 627 -16.09 16.71 5.50
C TYR B 627 -14.99 17.76 5.34
N PRO B 628 -14.58 18.43 6.42
CA PRO B 628 -13.68 19.59 6.26
C PRO B 628 -12.25 19.24 5.89
N LYS B 629 -11.74 18.08 6.31
CA LYS B 629 -10.34 17.74 6.09
C LYS B 629 -10.10 16.97 4.79
N LEU B 630 -11.14 16.76 4.00
CA LEU B 630 -10.99 15.99 2.76
C LEU B 630 -10.14 16.78 1.77
N SER B 631 -9.04 16.17 1.33
CA SER B 631 -8.13 16.81 0.38
C SER B 631 -7.73 15.92 -0.79
N ARG B 632 -7.86 14.60 -0.68
CA ARG B 632 -7.47 13.68 -1.73
C ARG B 632 -8.67 12.86 -2.15
N MET B 633 -8.84 12.68 -3.45
CA MET B 633 -9.96 11.91 -3.98
C MET B 633 -9.52 11.00 -5.12
N HIS B 634 -10.06 9.79 -5.15
CA HIS B 634 -9.94 8.89 -6.28
C HIS B 634 -11.34 8.67 -6.84
N LEU B 635 -11.57 9.16 -8.06
CA LEU B 635 -12.85 8.98 -8.74
C LEU B 635 -12.62 8.03 -9.90
N ASP B 636 -12.91 6.75 -9.68
CA ASP B 636 -12.66 5.68 -10.63
C ASP B 636 -13.97 5.36 -11.35
N CYS B 637 -14.16 5.96 -12.52
CA CYS B 637 -15.32 5.71 -13.35
C CYS B 637 -14.99 4.82 -14.55
N GLY B 638 -13.83 4.16 -14.52
CA GLY B 638 -13.35 3.40 -15.64
C GLY B 638 -14.07 2.11 -15.93
N ASP B 639 -14.96 1.67 -15.04
CA ASP B 639 -15.75 0.47 -15.25
C ASP B 639 -17.19 0.81 -15.62
N ILE B 640 -17.43 2.03 -16.06
CA ILE B 640 -18.70 2.44 -16.62
C ILE B 640 -18.66 2.17 -18.13
N ASN B 641 -19.66 1.46 -18.63
CA ASN B 641 -19.76 1.13 -20.05
C ASN B 641 -20.92 1.91 -20.64
N GLY B 642 -20.64 2.71 -21.66
CA GLY B 642 -21.67 3.52 -22.29
C GLY B 642 -21.39 3.80 -23.75
N TYR B 643 -22.04 4.83 -24.29
CA TYR B 643 -21.91 5.21 -25.70
C TYR B 643 -21.02 6.44 -25.80
N ALA B 644 -20.02 6.38 -26.67
CA ALA B 644 -19.06 7.48 -26.77
C ALA B 644 -19.71 8.74 -27.32
N HIS B 645 -20.42 8.62 -28.45
CA HIS B 645 -20.98 9.78 -29.11
C HIS B 645 -22.39 9.60 -29.64
N THR B 646 -22.93 8.38 -29.69
CA THR B 646 -24.17 8.14 -30.41
C THR B 646 -25.23 7.48 -29.53
N ALA B 647 -25.43 8.01 -28.33
CA ALA B 647 -26.42 7.45 -27.43
C ALA B 647 -27.81 7.58 -28.02
N PRO B 648 -28.62 6.50 -28.03
CA PRO B 648 -29.97 6.58 -28.57
C PRO B 648 -30.86 7.53 -27.78
N SER B 649 -32.08 7.74 -28.27
CA SER B 649 -33.02 8.64 -27.59
C SER B 649 -33.32 8.12 -26.19
N GLY B 650 -33.42 9.05 -25.25
CA GLY B 650 -33.64 8.71 -23.86
C GLY B 650 -32.40 8.36 -23.08
N GLN B 651 -31.24 8.36 -23.72
CA GLN B 651 -29.97 8.05 -23.07
C GLN B 651 -28.99 9.19 -23.31
N MET B 652 -27.85 9.12 -22.62
CA MET B 652 -26.84 10.15 -22.69
C MET B 652 -25.49 9.51 -22.96
N ASP B 653 -24.66 10.21 -23.73
CA ASP B 653 -23.34 9.69 -24.09
C ASP B 653 -22.36 9.90 -22.93
N LEU B 654 -21.13 9.42 -23.13
CA LEU B 654 -20.17 9.38 -22.03
C LEU B 654 -19.77 10.77 -21.56
N SER B 655 -19.80 11.77 -22.45
CA SER B 655 -19.50 13.14 -22.02
C SER B 655 -20.54 13.64 -21.02
N LEU B 656 -21.81 13.33 -21.26
CA LEU B 656 -22.85 13.76 -20.34
C LEU B 656 -22.74 13.04 -19.01
N TRP B 657 -22.35 11.76 -19.02
CA TRP B 657 -22.13 11.04 -17.76
C TRP B 657 -20.93 11.62 -17.01
N GLU B 658 -19.88 12.00 -17.73
CA GLU B 658 -18.74 12.65 -17.11
C GLU B 658 -19.15 13.97 -16.46
N ARG B 659 -20.00 14.74 -17.14
CA ARG B 659 -20.56 15.95 -16.53
C ARG B 659 -21.34 15.61 -15.27
N PHE B 660 -22.19 14.58 -15.35
CA PHE B 660 -23.02 14.20 -14.21
C PHE B 660 -22.16 13.83 -13.01
N TYR B 661 -21.03 13.17 -13.24
CA TYR B 661 -20.22 12.68 -12.13
C TYR B 661 -19.24 13.72 -11.62
N LEU B 662 -18.79 14.65 -12.48
CA LEU B 662 -17.74 15.58 -12.12
C LEU B 662 -18.24 16.97 -11.73
N ILE B 663 -19.55 17.20 -11.75
CA ILE B 663 -20.08 18.52 -11.40
C ILE B 663 -19.88 18.77 -9.91
N GLY B 664 -19.32 19.93 -9.58
CA GLY B 664 -19.09 20.31 -8.20
C GLY B 664 -17.71 19.98 -7.67
N VAL B 665 -16.87 19.31 -8.46
CA VAL B 665 -15.53 18.95 -7.99
C VAL B 665 -14.69 20.19 -7.77
N GLY B 666 -15.01 21.29 -8.44
CA GLY B 666 -14.26 22.53 -8.23
C GLY B 666 -14.46 23.10 -6.84
N HIS B 667 -15.68 22.98 -6.31
CA HIS B 667 -15.98 23.52 -4.98
C HIS B 667 -15.25 22.78 -3.88
N LEU B 668 -14.86 21.54 -4.11
CA LEU B 668 -14.07 20.79 -3.14
C LEU B 668 -12.64 21.33 -3.11
N GLY B 669 -12.07 21.40 -1.91
CA GLY B 669 -10.71 21.87 -1.78
C GLY B 669 -9.70 20.75 -1.92
N LEU B 670 -9.75 20.03 -3.04
CA LEU B 670 -8.88 18.89 -3.24
C LEU B 670 -7.50 19.33 -3.68
N THR B 671 -6.48 18.70 -3.10
CA THR B 671 -5.10 18.92 -3.51
C THR B 671 -4.56 17.81 -4.41
N GLU B 672 -5.14 16.61 -4.32
CA GLU B 672 -4.78 15.50 -5.17
C GLU B 672 -6.05 14.90 -5.77
N LEU B 673 -6.01 14.54 -7.04
CA LEU B 673 -7.13 13.91 -7.71
C LEU B 673 -6.63 12.87 -8.69
N ASN B 674 -7.14 11.64 -8.55
CA ASN B 674 -6.94 10.59 -9.54
C ASN B 674 -8.30 10.32 -10.18
N TYR B 675 -8.37 10.50 -11.50
CA TYR B 675 -9.63 10.35 -12.21
C TYR B 675 -9.49 9.30 -13.30
N TRP B 676 -10.47 8.41 -13.37
CA TRP B 676 -10.53 7.40 -14.42
C TRP B 676 -11.75 7.68 -15.29
N PRO B 677 -11.56 8.11 -16.54
CA PRO B 677 -12.72 8.39 -17.38
C PRO B 677 -13.45 7.10 -17.74
N PRO B 678 -14.76 7.16 -17.96
CA PRO B 678 -15.49 5.98 -18.41
C PRO B 678 -15.06 5.58 -19.81
N GLN B 679 -15.21 4.30 -20.12
CA GLN B 679 -14.74 3.75 -21.38
C GLN B 679 -15.88 3.23 -22.22
N ASP B 680 -15.71 3.31 -23.53
CA ASP B 680 -16.63 2.71 -24.51
C ASP B 680 -15.94 1.47 -25.07
N ARG B 681 -16.42 0.30 -24.68
CA ARG B 681 -15.73 -0.93 -25.05
C ARG B 681 -15.76 -1.17 -26.55
N ASP B 682 -16.89 -0.85 -27.20
CA ASP B 682 -17.01 -1.09 -28.63
C ASP B 682 -15.99 -0.25 -29.41
N VAL B 683 -15.85 1.02 -29.04
CA VAL B 683 -14.85 1.87 -29.68
C VAL B 683 -13.48 1.72 -29.03
N ASN B 684 -13.41 1.14 -27.83
CA ASN B 684 -12.16 0.92 -27.10
C ASN B 684 -11.42 2.24 -26.88
N GLN B 685 -12.07 3.12 -26.11
CA GLN B 685 -11.50 4.42 -25.78
C GLN B 685 -11.83 4.78 -24.34
N ARG B 686 -10.82 5.27 -23.61
CA ARG B 686 -11.01 5.91 -22.31
C ARG B 686 -10.53 7.35 -22.47
N SER B 687 -11.44 8.23 -22.88
CA SER B 687 -11.07 9.58 -23.25
C SER B 687 -11.64 10.58 -22.25
N LEU B 688 -10.84 11.62 -21.98
CA LEU B 688 -11.31 12.75 -21.21
C LEU B 688 -11.96 13.75 -22.17
N SER B 689 -13.22 14.09 -21.90
CA SER B 689 -13.99 14.90 -22.83
C SER B 689 -13.82 16.39 -22.54
N LEU B 690 -14.32 17.21 -23.48
CA LEU B 690 -14.34 18.65 -23.27
C LEU B 690 -15.07 19.08 -22.01
N PRO B 691 -16.31 18.64 -21.73
CA PRO B 691 -16.96 19.05 -20.49
C PRO B 691 -16.21 18.59 -19.24
N ALA B 692 -15.66 17.37 -19.26
CA ALA B 692 -14.93 16.87 -18.11
C ALA B 692 -13.66 17.68 -17.87
N ALA B 693 -12.92 18.00 -18.93
CA ALA B 693 -11.73 18.81 -18.78
C ALA B 693 -12.07 20.21 -18.29
N GLY B 694 -13.16 20.78 -18.81
CA GLY B 694 -13.60 22.08 -18.32
C GLY B 694 -13.95 22.06 -16.85
N LEU B 695 -14.61 20.99 -16.40
CA LEU B 695 -14.94 20.88 -14.98
C LEU B 695 -13.69 20.70 -14.13
N LEU B 696 -12.73 19.91 -14.60
CA LEU B 696 -11.49 19.71 -13.84
C LEU B 696 -10.67 20.98 -13.79
N GLN B 697 -10.80 21.86 -14.80
CA GLN B 697 -10.05 23.11 -14.81
C GLN B 697 -10.46 24.04 -13.67
N GLU B 698 -11.62 23.82 -13.07
CA GLU B 698 -12.11 24.65 -11.97
C GLU B 698 -11.43 24.34 -10.64
N CYS B 699 -10.61 23.29 -10.57
CA CYS B 699 -9.96 22.89 -9.32
C CYS B 699 -8.66 23.67 -9.18
N ASN B 700 -8.77 24.86 -8.57
CA ASN B 700 -7.61 25.73 -8.43
C ASN B 700 -6.65 25.26 -7.34
N ARG B 701 -7.11 24.40 -6.43
CA ARG B 701 -6.29 23.94 -5.32
C ARG B 701 -5.48 22.69 -5.63
N LEU B 702 -5.63 22.13 -6.83
CA LEU B 702 -4.98 20.86 -7.15
C LEU B 702 -3.46 21.01 -7.12
N ARG B 703 -2.81 20.09 -6.43
CA ARG B 703 -1.35 19.96 -6.44
C ARG B 703 -0.90 18.83 -7.35
N LYS B 704 -1.66 17.74 -7.39
CA LYS B 704 -1.39 16.60 -8.25
C LYS B 704 -2.66 16.16 -8.92
N LEU B 705 -2.58 15.87 -10.21
CA LEU B 705 -3.72 15.45 -11.01
C LEU B 705 -3.27 14.38 -11.99
N PHE B 706 -3.81 13.17 -11.85
CA PHE B 706 -3.46 12.05 -12.71
C PHE B 706 -4.73 11.52 -13.36
N ILE B 707 -4.73 11.49 -14.69
CA ILE B 707 -5.86 11.00 -15.47
C ILE B 707 -5.47 9.65 -16.06
N HIS B 708 -6.30 8.65 -15.82
CA HIS B 708 -6.00 7.29 -16.25
C HIS B 708 -6.80 7.00 -17.52
N GLY B 709 -6.23 7.47 -18.63
CA GLY B 709 -6.90 7.37 -19.91
C GLY B 709 -6.17 8.26 -20.92
N THR B 710 -6.90 8.62 -21.97
CA THR B 710 -6.38 9.51 -23.00
C THR B 710 -7.10 10.85 -22.94
N ALA B 711 -6.43 11.87 -23.48
CA ALA B 711 -7.01 13.20 -23.55
C ALA B 711 -6.34 13.96 -24.68
N HIS B 712 -7.08 14.89 -25.26
CA HIS B 712 -6.53 15.75 -26.30
C HIS B 712 -5.46 16.66 -25.72
N GLU B 713 -4.47 17.00 -26.55
CA GLU B 713 -3.36 17.81 -26.08
C GLU B 713 -3.81 19.19 -25.63
N HIS B 714 -4.87 19.71 -26.23
CA HIS B 714 -5.46 20.97 -25.74
C HIS B 714 -5.98 20.80 -24.32
N PHE B 715 -6.54 19.62 -24.02
CA PHE B 715 -7.02 19.36 -22.67
C PHE B 715 -5.87 19.38 -21.67
N MET B 716 -4.73 18.80 -22.04
CA MET B 716 -3.56 18.83 -21.16
C MET B 716 -2.99 20.24 -21.02
N MET B 717 -3.05 21.04 -22.09
CA MET B 717 -2.63 22.43 -21.97
C MET B 717 -3.58 23.24 -21.10
N PHE B 718 -4.84 22.81 -21.00
CA PHE B 718 -5.80 23.50 -20.14
C PHE B 718 -5.34 23.48 -18.69
N PHE B 719 -4.83 22.34 -18.22
CA PHE B 719 -4.53 22.16 -16.80
C PHE B 719 -3.30 22.91 -16.34
N LEU B 720 -2.42 23.29 -17.26
CA LEU B 720 -1.26 24.10 -16.85
C LEU B 720 -1.64 25.51 -16.47
N ARG B 721 -2.89 25.91 -16.74
CA ARG B 721 -3.38 27.21 -16.27
C ARG B 721 -3.47 27.26 -14.76
N ILE B 722 -3.60 26.12 -14.10
CA ILE B 722 -3.67 26.09 -12.64
C ILE B 722 -2.31 26.42 -12.06
N GLU B 723 -2.28 27.35 -11.11
CA GLU B 723 -1.01 27.89 -10.61
C GLU B 723 -0.25 26.86 -9.79
N GLY B 724 -0.92 26.23 -8.83
CA GLY B 724 -0.25 25.32 -7.92
C GLY B 724 -0.06 23.91 -8.42
N LEU B 725 -0.54 23.59 -9.62
CA LEU B 725 -0.50 22.23 -10.12
C LEU B 725 0.93 21.85 -10.49
N ARG B 726 1.51 20.91 -9.75
CA ARG B 726 2.88 20.47 -9.98
C ARG B 726 2.94 19.22 -10.84
N ASP B 727 2.31 18.14 -10.41
CA ASP B 727 2.41 16.84 -11.06
C ASP B 727 1.14 16.58 -11.87
N VAL B 728 1.28 16.57 -13.20
CA VAL B 728 0.19 16.26 -14.12
C VAL B 728 0.68 15.17 -15.05
N GLN B 729 -0.14 14.14 -15.26
CA GLN B 729 0.27 13.07 -16.16
C GLN B 729 -0.94 12.31 -16.64
N LEU B 730 -0.88 11.88 -17.91
CA LEU B 730 -1.83 10.94 -18.47
C LEU B 730 -1.21 9.55 -18.39
N ARG B 731 -1.81 8.68 -17.58
CA ARG B 731 -1.25 7.36 -17.32
C ARG B 731 -2.24 6.31 -17.81
N ALA B 732 -1.94 5.71 -18.96
CA ALA B 732 -2.76 4.63 -19.52
C ALA B 732 -2.34 3.28 -18.95
N ASP B 733 -2.46 3.18 -17.63
CA ASP B 733 -2.07 1.95 -16.92
C ASP B 733 -3.22 0.94 -16.92
N TYR B 734 -3.57 0.51 -18.13
CA TYR B 734 -4.57 -0.53 -18.32
C TYR B 734 -4.22 -1.31 -19.57
N TYR B 735 -4.71 -2.54 -19.64
CA TYR B 735 -4.35 -3.26 -20.86
C TYR B 735 -5.53 -3.31 -21.82
N PRO B 736 -5.30 -3.06 -23.11
CA PRO B 736 -4.04 -2.63 -23.72
C PRO B 736 -3.89 -1.11 -23.74
N ALA B 737 -2.69 -0.61 -23.53
CA ALA B 737 -2.47 0.82 -23.61
C ALA B 737 -2.48 1.29 -25.06
N PRO B 738 -2.99 2.49 -25.33
CA PRO B 738 -3.06 2.97 -26.72
C PRO B 738 -1.68 3.12 -27.33
N GLU B 739 -1.57 2.73 -28.59
CA GLU B 739 -0.31 2.83 -29.33
C GLU B 739 -0.20 4.10 -30.16
N ASN B 740 -1.21 4.98 -30.10
CA ASN B 740 -1.21 6.18 -30.92
C ASN B 740 -0.10 7.16 -30.52
N ASP B 741 0.39 7.08 -29.29
CA ASP B 741 1.44 7.98 -28.83
C ASP B 741 2.73 7.79 -29.62
#